data_7T2P
#
_entry.id   7T2P
#
loop_
_entity.id
_entity.type
_entity.pdbx_description
1 polymer 'Envelope glycoprotein gp120'
2 polymer 'Envelope glycoprotein gp41'
3 polymer 'K11 Fab heavy chain'
4 polymer 'K11 Fab light chain'
5 branched alpha-D-mannopyranose-(1-2)-alpha-D-mannopyranose-(1-3)-[alpha-D-mannopyranose-(1-6)]alpha-D-mannopyranose-(1-6)-[alpha-D-mannopyranose-(1-3)]beta-D-mannopyranose-(1-4)-2-acetamido-2-deoxy-beta-D-glucopyranose-(1-4)-2-acetamido-2-deoxy-beta-D-glucopyranose
6 branched 2-acetamido-2-deoxy-beta-D-glucopyranose-(1-4)-2-acetamido-2-deoxy-beta-D-glucopyranose
7 branched 2-acetamido-2-deoxy-beta-D-glucopyranose-(1-4)-[alpha-L-fucopyranose-(1-6)]2-acetamido-2-deoxy-beta-D-glucopyranose
8 branched alpha-D-mannopyranose-(1-2)-alpha-D-mannopyranose-(1-3)-[alpha-D-mannopyranose-(1-6)]beta-D-mannopyranose-(1-4)-2-acetamido-2-deoxy-beta-D-glucopyranose-(1-4)-2-acetamido-2-deoxy-beta-D-glucopyranose
9 branched alpha-D-mannopyranose-(1-3)-[alpha-D-mannopyranose-(1-6)]beta-D-mannopyranose-(1-4)-2-acetamido-2-deoxy-beta-D-glucopyranose-(1-4)-2-acetamido-2-deoxy-beta-D-glucopyranose
10 branched beta-D-mannopyranose-(1-4)-2-acetamido-2-deoxy-beta-D-glucopyranose-(1-4)-2-acetamido-2-deoxy-beta-D-glucopyranose
11 non-polymer 2-acetamido-2-deoxy-beta-D-glucopyranose
#
loop_
_entity_poly.entity_id
_entity_poly.type
_entity_poly.pdbx_seq_one_letter_code
_entity_poly.pdbx_strand_id
1 'polypeptide(L)'
;MGCLGNQLLIAILLLSVYGIYCTLYVTVFYGVPAWRNATIPLFCATKNRDTWGTTQCLPDNGDYSEMALNVTESFDAWNN
TVTEQAIEDVWQLFETSIKPCVKLSPLCITMRCNKSETDRWGLTKSITTTASTTSTTASAKVDMVNETSSCIAQDNCTGL
EQEQMISCKFNMTGLKRDKSKEYNETWYSADLVCEQGNNTGNESRCYMNHCNTSVIQESCDKHYWDAIRFRYCAPPGYAL
LRCNDTNYSGFMPKCSKVVVSSCTRMMETQTSTWFGFNGTRAENRTYIYWHGRDNRTIISLNKYYNLTMKCRRPGNKTVL
PVTIMSGLVFHSQPINDRPKQAWCWFGGKWKDAIKEVKQTIVKHPRYTGTNNTDKINLTAPGGGDPEVTFMWTNCRGEFL
YCKMNWFLNWVEDRNTANQKPKEQHKRNYVPCHIRQIINTWHKVGKNVYLPPREGDLTCNSTVTSLIANIDWIDGNQTNI
TMSAEVAELYRLELGDYKLVEITPIGLAPTSCKRYTTGGTSRRRRRR
;
A
2 'polypeptide(L)'
;GVFVLGFLGFLATAGSAMGAASLTLTAQSRTLLAGIVQQQQQLLDVPKRQQELLRLTVWGTKNLQTRVTAIEKYLKDQAQ
LNAWGCAFRQVCCTTVPWPNASLIPKWNNETWQEWERKVDFLEENITALLEEAQIQQEKNMYELQKLNGSGHHHHHHHH
;
B
3 'polypeptide(L)'
;DWTWRILFLVAAATGAHSQVQLQESGPGVVRPSQTLSLTCAVSGDTVSSCCFFWTWIRQPPGKGLEWIGNISYDNDNTNY
NPSLKTRISISKDMSKNQFSLKLNSLTATDTAIYYCARESPSRGNFCYAYLYGNCPLHFDLWGQGVLVTVSSASTKGPSV
FPLAPSSRSTSESTAALGCLVKDYFPEPVTVSWNSGSLTSGVHTFPAVLQSSGLYSLSSVVTVPSSSLGTQTYVCNVNHK
PSNTKVDKRVEIKTCGGGSKPPTCPPCTSPELLGGPSVFLFPPKPKDTLMISRTPEVTCVVVDVSQEDPDVKFNWYVNGA
EVHHAQTKPRETQYNSTYRVVSVLTVTHQDWLNGKEYTCKVSNKALPAPIQKTISKDKGQPREPQVYTLPPSREELTKNQ
VSLTCLVKGFYPSDIVVEWESSGQPENTYKTTPPVLDSDGSYFLYSKLTVDKSRWQQGNVFSCSVMHEALHNHYTQKSLS
LSPGK
;
H
4 'polypeptide(L)'
;ETDTLLLWVLLLWVPGSTGDILLTQSPSSLSGSVGDRVTITCRASQGINSYLNWYQQKPGKAPKLLIYFANRLQSGVPSR
FSGSGSGTEFTLTISSLQSEDGATYYCQQYDTFPTFGPGTKLDIKRTVAAPSVFIFPPSEDQVKSGTVSVVCLLNNFYPR
EASVKWKVDGALKTGNSQESVTEQDSKDNTYSLSSTLTLSSTEYQSHKVYACEVTHQGLSSPVTKSFNRGEC
;
L
#
# COMPACT_ATOMS: atom_id res chain seq x y z
N THR A 23 34.92 6.96 -33.74
CA THR A 23 34.07 5.94 -34.33
C THR A 23 32.63 6.02 -33.77
N LEU A 24 32.48 5.94 -32.43
CA LEU A 24 31.19 5.95 -31.72
C LEU A 24 30.85 7.31 -31.18
N TYR A 25 29.74 7.82 -31.69
CA TYR A 25 29.21 9.13 -31.41
C TYR A 25 28.00 9.01 -30.54
N VAL A 26 27.73 10.06 -29.80
CA VAL A 26 26.64 10.07 -28.84
C VAL A 26 25.28 9.91 -29.47
N THR A 27 25.05 10.68 -30.53
CA THR A 27 23.81 10.69 -31.29
C THR A 27 22.61 10.92 -30.36
N VAL A 28 21.44 11.14 -30.92
CA VAL A 28 20.27 11.37 -30.08
C VAL A 28 19.14 10.49 -30.57
N PHE A 29 18.60 9.70 -29.67
CA PHE A 29 17.52 8.78 -29.99
C PHE A 29 16.21 9.32 -29.49
N TYR A 30 15.35 9.72 -30.39
CA TYR A 30 14.10 10.33 -29.94
C TYR A 30 12.98 9.32 -30.08
N GLY A 31 12.08 9.28 -29.08
CA GLY A 31 10.95 8.36 -29.13
C GLY A 31 11.19 7.10 -28.30
N VAL A 32 12.13 7.21 -27.37
CA VAL A 32 12.59 6.17 -26.45
C VAL A 32 11.61 5.73 -25.34
N PRO A 33 11.38 4.42 -25.16
CA PRO A 33 10.50 3.82 -24.18
C PRO A 33 11.10 3.79 -22.78
N ALA A 34 11.23 4.95 -22.14
CA ALA A 34 11.85 5.01 -20.81
C ALA A 34 11.24 6.11 -19.94
N TRP A 35 11.37 5.95 -18.60
CA TRP A 35 10.77 6.87 -17.63
C TRP A 35 11.53 7.05 -16.29
N ARG A 36 11.11 8.08 -15.56
CA ARG A 36 11.64 8.39 -14.22
C ARG A 36 10.51 8.81 -13.26
N ASN A 37 10.74 8.82 -11.92
CA ASN A 37 9.76 9.23 -10.90
C ASN A 37 9.27 10.68 -11.11
N ALA A 38 7.93 10.89 -11.09
CA ALA A 38 7.29 12.20 -11.22
C ALA A 38 6.66 12.61 -9.92
N THR A 39 6.68 13.89 -9.61
CA THR A 39 6.06 14.40 -8.40
C THR A 39 5.20 15.61 -8.73
N ILE A 40 4.14 15.39 -9.48
CA ILE A 40 3.31 16.47 -9.98
C ILE A 40 1.87 16.23 -9.57
N PRO A 41 1.00 17.25 -9.59
CA PRO A 41 -0.43 17.14 -9.37
C PRO A 41 -1.12 16.37 -10.48
N LEU A 42 -2.15 15.62 -10.11
CA LEU A 42 -3.00 14.85 -11.00
C LEU A 42 -4.37 15.46 -11.19
N PHE A 43 -5.03 15.12 -12.29
CA PHE A 43 -6.37 15.59 -12.56
C PHE A 43 -7.37 14.69 -11.91
N CYS A 44 -8.50 15.23 -11.48
CA CYS A 44 -9.55 14.35 -10.99
C CYS A 44 -10.62 14.21 -12.05
N ALA A 45 -11.26 13.06 -12.11
CA ALA A 45 -12.39 12.84 -12.99
C ALA A 45 -13.47 12.07 -12.27
N THR A 46 -14.73 12.46 -12.47
CA THR A 46 -15.85 11.83 -11.78
C THR A 46 -17.11 11.59 -12.59
N LYS A 47 -18.08 10.99 -11.92
CA LYS A 47 -19.41 10.75 -12.48
C LYS A 47 -20.46 11.64 -11.81
N ASN A 48 -20.23 12.01 -10.54
CA ASN A 48 -21.19 12.84 -9.82
C ASN A 48 -20.78 14.27 -9.98
N ARG A 49 -21.50 14.96 -10.82
CA ARG A 49 -21.15 16.31 -11.19
C ARG A 49 -22.18 17.32 -10.73
N ASP A 50 -22.98 16.94 -9.74
CA ASP A 50 -24.06 17.83 -9.29
C ASP A 50 -23.56 19.16 -8.70
N THR A 51 -22.46 19.11 -7.95
CA THR A 51 -21.88 20.29 -7.32
C THR A 51 -20.37 20.35 -7.59
N TRP A 52 -19.64 19.64 -6.72
CA TRP A 52 -18.20 19.56 -6.72
C TRP A 52 -17.60 19.05 -8.03
N GLY A 53 -18.17 17.98 -8.58
CA GLY A 53 -17.61 17.41 -9.78
C GLY A 53 -17.55 18.41 -10.92
N THR A 54 -18.66 19.10 -11.25
CA THR A 54 -18.55 20.04 -12.36
C THR A 54 -17.50 21.09 -12.07
N THR A 55 -17.50 21.62 -10.87
CA THR A 55 -16.57 22.69 -10.62
C THR A 55 -15.09 22.29 -10.73
N GLN A 56 -14.71 21.14 -10.16
CA GLN A 56 -13.29 20.80 -10.09
C GLN A 56 -12.74 19.70 -11.03
N CYS A 57 -13.62 18.80 -11.48
CA CYS A 57 -13.27 17.58 -12.20
C CYS A 57 -13.65 17.50 -13.66
N LEU A 58 -13.01 16.57 -14.34
CA LEU A 58 -13.35 16.27 -15.71
C LEU A 58 -14.33 15.12 -15.63
N PRO A 59 -15.13 14.85 -16.65
CA PRO A 59 -15.99 13.72 -16.67
C PRO A 59 -15.17 12.45 -16.76
N ASP A 60 -15.66 11.40 -16.14
CA ASP A 60 -15.03 10.11 -16.20
C ASP A 60 -15.24 9.50 -17.58
N ASN A 61 -14.13 9.25 -18.28
CA ASN A 61 -14.12 8.72 -19.63
C ASN A 61 -14.64 7.28 -19.68
N GLY A 62 -14.55 6.58 -18.55
CA GLY A 62 -14.99 5.19 -18.43
C GLY A 62 -13.98 4.15 -18.92
N ASP A 63 -12.79 4.59 -19.32
CA ASP A 63 -11.79 3.68 -19.82
C ASP A 63 -10.90 3.20 -18.68
N TYR A 64 -11.09 1.95 -18.29
CA TYR A 64 -10.38 1.35 -17.18
C TYR A 64 -9.43 0.26 -17.66
N SER A 65 -9.10 0.26 -18.96
CA SER A 65 -8.21 -0.76 -19.49
C SER A 65 -6.76 -0.50 -19.08
N GLU A 66 -5.93 -1.55 -19.13
CA GLU A 66 -4.52 -1.43 -18.79
C GLU A 66 -3.64 -2.32 -19.68
N MET A 67 -2.37 -1.96 -19.87
CA MET A 67 -1.41 -2.82 -20.59
C MET A 67 -0.38 -3.42 -19.67
N ALA A 68 0.00 -4.67 -19.86
CA ALA A 68 1.07 -5.18 -19.00
C ALA A 68 2.42 -4.89 -19.63
N LEU A 69 3.42 -4.58 -18.81
CA LEU A 69 4.77 -4.35 -19.30
C LEU A 69 5.76 -5.39 -18.75
N ASN A 70 6.78 -5.78 -19.55
CA ASN A 70 7.84 -6.71 -19.12
C ASN A 70 8.98 -5.94 -18.43
N VAL A 71 8.64 -5.28 -17.30
CA VAL A 71 9.57 -4.42 -16.55
C VAL A 71 9.53 -4.75 -15.08
N THR A 72 10.54 -4.32 -14.35
CA THR A 72 10.58 -4.47 -12.90
C THR A 72 10.58 -3.08 -12.29
N GLU A 73 9.73 -2.85 -11.29
CA GLU A 73 9.66 -1.52 -10.69
C GLU A 73 9.42 -1.55 -9.18
N SER A 74 9.85 -0.49 -8.48
CA SER A 74 9.72 -0.35 -7.03
C SER A 74 8.44 0.37 -6.61
N PHE A 75 7.60 -0.26 -5.79
CA PHE A 75 6.36 0.37 -5.37
C PHE A 75 6.28 0.58 -3.87
N ASP A 76 5.65 1.67 -3.44
CA ASP A 76 5.45 1.91 -1.99
C ASP A 76 4.12 2.64 -1.83
N ALA A 77 3.34 2.34 -0.79
CA ALA A 77 2.00 2.94 -0.60
C ALA A 77 2.05 4.12 0.36
N TRP A 78 2.87 4.05 1.41
CA TRP A 78 2.87 5.11 2.43
C TRP A 78 3.77 6.27 2.03
N ASN A 79 4.55 6.13 0.95
CA ASN A 79 5.40 7.24 0.46
C ASN A 79 5.19 7.39 -1.05
N ASN A 80 4.01 7.82 -1.46
CA ASN A 80 3.71 7.94 -2.90
C ASN A 80 3.18 9.34 -3.14
N THR A 81 2.92 9.70 -4.39
CA THR A 81 2.34 10.97 -4.71
C THR A 81 0.89 10.76 -4.99
N VAL A 82 0.54 9.54 -5.36
CA VAL A 82 -0.83 9.25 -5.74
C VAL A 82 -1.71 9.22 -4.47
N THR A 83 -1.22 8.56 -3.43
CA THR A 83 -1.93 8.47 -2.17
C THR A 83 -1.91 9.77 -1.42
N GLU A 84 -0.79 10.50 -1.49
CA GLU A 84 -0.67 11.78 -0.72
C GLU A 84 -1.47 12.89 -1.38
N GLN A 85 -1.82 12.78 -2.66
CA GLN A 85 -2.78 13.70 -3.18
C GLN A 85 -4.17 13.27 -2.77
N ALA A 86 -4.48 11.98 -2.75
CA ALA A 86 -5.83 11.63 -2.32
C ALA A 86 -6.13 12.13 -0.92
N ILE A 87 -5.17 12.04 -0.02
CA ILE A 87 -5.43 12.49 1.32
C ILE A 87 -5.63 14.01 1.39
N GLU A 88 -4.75 14.76 0.73
CA GLU A 88 -4.83 16.21 0.76
C GLU A 88 -5.99 16.77 -0.03
N ASP A 89 -6.37 16.12 -1.13
CA ASP A 89 -7.45 16.60 -1.97
C ASP A 89 -8.78 16.38 -1.32
N VAL A 90 -8.97 15.27 -0.63
CA VAL A 90 -10.25 15.09 0.01
C VAL A 90 -10.35 16.10 1.12
N TRP A 91 -9.28 16.28 1.87
CA TRP A 91 -9.37 17.27 2.90
C TRP A 91 -9.62 18.67 2.36
N GLN A 92 -8.89 19.05 1.34
CA GLN A 92 -9.02 20.38 0.81
C GLN A 92 -10.39 20.64 0.19
N LEU A 93 -11.03 19.64 -0.45
CA LEU A 93 -12.33 19.90 -1.04
C LEU A 93 -13.35 20.08 0.08
N PHE A 94 -13.13 19.44 1.25
CA PHE A 94 -13.98 19.69 2.39
C PHE A 94 -13.89 21.13 2.84
N GLU A 95 -12.67 21.63 3.01
CA GLU A 95 -12.47 23.00 3.48
C GLU A 95 -13.06 24.05 2.58
N THR A 96 -13.01 23.86 1.27
CA THR A 96 -13.55 24.86 0.40
C THR A 96 -15.07 24.79 0.33
N SER A 97 -15.67 23.75 0.90
CA SER A 97 -17.11 23.60 0.88
C SER A 97 -17.71 24.27 2.10
N ILE A 98 -17.03 24.20 3.24
CA ILE A 98 -17.58 24.80 4.46
C ILE A 98 -17.22 26.27 4.60
N LYS A 99 -16.11 26.69 3.99
CA LYS A 99 -15.65 28.06 4.14
C LYS A 99 -16.74 29.15 4.15
N PRO A 100 -17.72 29.23 3.22
CA PRO A 100 -18.74 30.28 3.20
C PRO A 100 -20.01 30.11 4.10
N CYS A 101 -20.08 29.07 4.95
CA CYS A 101 -21.24 28.72 5.79
C CYS A 101 -21.34 29.58 7.06
N VAL A 102 -22.54 29.60 7.64
CA VAL A 102 -22.80 30.38 8.85
C VAL A 102 -21.92 29.99 10.02
N LYS A 103 -21.37 31.01 10.67
CA LYS A 103 -20.55 30.81 11.85
C LYS A 103 -21.48 30.83 13.03
N LEU A 104 -21.24 29.98 13.99
CA LEU A 104 -22.12 29.88 15.13
C LEU A 104 -21.58 30.59 16.36
N SER A 105 -20.64 31.51 16.21
CA SER A 105 -20.21 32.22 17.41
C SER A 105 -21.38 32.96 18.09
N PRO A 106 -22.44 33.47 17.39
CA PRO A 106 -23.60 34.09 17.99
C PRO A 106 -24.38 33.15 18.88
N LEU A 107 -24.14 31.85 18.79
CA LEU A 107 -24.82 30.87 19.62
C LEU A 107 -24.07 30.48 20.89
N CYS A 108 -22.85 31.02 21.14
CA CYS A 108 -22.02 30.67 22.29
C CYS A 108 -22.43 31.51 23.48
N ILE A 109 -23.65 31.29 23.90
CA ILE A 109 -24.31 32.01 24.96
C ILE A 109 -24.83 31.01 25.93
N THR A 110 -25.14 31.42 27.14
CA THR A 110 -25.70 30.48 28.06
C THR A 110 -27.07 30.03 27.59
N MET A 111 -27.29 28.73 27.55
CA MET A 111 -28.58 28.16 27.19
C MET A 111 -29.22 27.64 28.47
N ARG A 112 -30.52 27.70 28.55
CA ARG A 112 -31.25 27.23 29.74
C ARG A 112 -31.77 25.80 29.50
N CYS A 113 -31.08 24.80 30.08
CA CYS A 113 -31.30 23.37 29.82
C CYS A 113 -32.06 22.67 30.92
N ASN A 114 -32.88 21.71 30.53
CA ASN A 114 -33.60 20.94 31.52
C ASN A 114 -32.57 20.22 32.41
N LYS A 115 -32.68 20.46 33.74
CA LYS A 115 -31.80 19.95 34.78
C LYS A 115 -31.92 18.46 34.96
N SER A 116 -33.11 17.89 34.78
CA SER A 116 -33.22 16.48 35.05
C SER A 116 -32.38 15.73 34.04
N GLU A 117 -32.49 16.15 32.78
CA GLU A 117 -31.78 15.45 31.69
C GLU A 117 -30.28 15.74 31.79
N THR A 118 -29.86 16.92 32.22
CA THR A 118 -28.41 17.16 32.41
C THR A 118 -27.87 16.26 33.52
N ASP A 119 -28.62 16.10 34.62
CA ASP A 119 -28.19 15.19 35.71
C ASP A 119 -28.22 13.73 35.26
N ARG A 120 -29.26 13.30 34.55
CA ARG A 120 -29.38 11.86 34.20
C ARG A 120 -28.21 11.46 33.30
N TRP A 121 -27.83 12.31 32.36
CA TRP A 121 -26.73 11.99 31.41
C TRP A 121 -25.37 12.38 31.99
N GLY A 122 -25.33 13.00 33.17
CA GLY A 122 -24.05 13.26 33.86
C GLY A 122 -23.27 14.52 33.50
N LEU A 123 -23.83 15.43 32.70
CA LEU A 123 -23.14 16.72 32.38
C LEU A 123 -23.02 17.59 33.65
N THR A 124 -23.96 17.50 34.58
CA THR A 124 -24.03 18.23 35.83
C THR A 124 -24.15 17.24 36.97
N LYS A 125 -23.98 17.70 38.19
CA LYS A 125 -24.03 16.80 39.32
C LYS A 125 -25.19 17.05 40.24
N SER A 126 -25.61 15.97 40.88
CA SER A 126 -26.64 15.99 41.89
C SER A 126 -26.40 14.89 42.89
N ILE A 127 -26.69 15.20 44.15
CA ILE A 127 -26.53 14.24 45.24
C ILE A 127 -27.87 13.90 45.87
N THR A 128 -28.95 14.27 45.20
CA THR A 128 -30.28 14.06 45.72
C THR A 128 -30.95 12.87 45.06
N THR A 129 -30.19 12.16 44.23
CA THR A 129 -30.68 11.02 43.49
C THR A 129 -30.46 9.72 44.27
N THR A 130 -29.53 9.77 45.24
CA THR A 130 -29.15 8.67 46.14
C THR A 130 -29.56 7.28 45.64
N ALA A 131 -29.10 6.92 44.44
CA ALA A 131 -29.45 5.65 43.84
C ALA A 131 -28.74 4.48 44.51
N SER A 132 -29.44 3.35 44.56
CA SER A 132 -28.89 2.10 45.07
C SER A 132 -29.50 0.93 44.30
N THR A 133 -28.66 0.09 43.71
CA THR A 133 -29.17 -1.03 42.91
C THR A 133 -28.74 -2.40 43.39
N THR A 134 -29.71 -3.30 43.50
CA THR A 134 -29.49 -4.69 43.82
C THR A 134 -29.91 -5.50 42.61
N SER A 135 -29.03 -6.34 42.10
CA SER A 135 -29.33 -7.13 40.92
C SER A 135 -28.47 -8.39 40.83
N THR A 136 -28.86 -9.29 39.92
CA THR A 136 -28.12 -10.50 39.63
C THR A 136 -26.84 -10.15 38.90
N THR A 137 -25.72 -10.71 39.34
CA THR A 137 -24.45 -10.44 38.69
C THR A 137 -24.14 -11.46 37.60
N ALA A 138 -24.74 -12.65 37.70
CA ALA A 138 -24.57 -13.70 36.70
C ALA A 138 -25.62 -13.48 35.62
N SER A 139 -25.48 -12.35 34.94
CA SER A 139 -26.45 -11.88 33.97
C SER A 139 -25.98 -11.76 32.51
N ALA A 140 -24.77 -12.20 32.16
CA ALA A 140 -24.35 -12.04 30.76
C ALA A 140 -25.27 -12.83 29.83
N LYS A 141 -25.65 -12.20 28.72
CA LYS A 141 -26.52 -12.80 27.72
C LYS A 141 -25.88 -12.83 26.35
N VAL A 142 -26.42 -13.68 25.49
CA VAL A 142 -26.01 -13.71 24.10
C VAL A 142 -27.23 -13.36 23.26
N ASP A 143 -27.12 -12.33 22.43
CA ASP A 143 -28.27 -11.89 21.65
C ASP A 143 -27.90 -11.62 20.20
N MET A 144 -28.50 -12.40 19.34
CA MET A 144 -28.25 -12.30 17.93
C MET A 144 -29.42 -11.72 17.17
N VAL A 145 -29.12 -10.87 16.20
CA VAL A 145 -30.18 -10.34 15.37
C VAL A 145 -29.83 -10.57 13.89
N ASN A 146 -30.86 -10.61 13.03
CA ASN A 146 -30.74 -10.75 11.57
C ASN A 146 -31.92 -10.02 10.93
N GLU A 147 -32.00 -9.99 9.57
CA GLU A 147 -33.01 -9.23 8.81
C GLU A 147 -34.45 -9.58 9.15
N THR A 148 -34.67 -10.85 9.40
CA THR A 148 -35.99 -11.35 9.71
C THR A 148 -36.26 -11.28 11.20
N SER A 149 -36.28 -10.06 11.75
CA SER A 149 -36.53 -9.88 13.18
C SER A 149 -37.24 -8.58 13.55
N SER A 150 -38.23 -8.72 14.42
CA SER A 150 -39.05 -7.62 14.89
C SER A 150 -38.30 -6.70 15.82
N CYS A 151 -37.19 -7.16 16.38
CA CYS A 151 -36.45 -6.32 17.30
C CYS A 151 -35.65 -5.29 16.54
N ILE A 152 -35.49 -5.50 15.22
CA ILE A 152 -34.75 -4.52 14.47
C ILE A 152 -35.76 -3.53 13.99
N ALA A 153 -36.87 -4.02 13.46
CA ALA A 153 -37.90 -3.16 12.93
C ALA A 153 -38.44 -2.18 13.96
N GLN A 154 -38.52 -2.62 15.21
CA GLN A 154 -39.02 -1.79 16.30
C GLN A 154 -37.93 -1.07 17.08
N ASP A 155 -36.67 -1.19 16.67
CA ASP A 155 -35.54 -0.55 17.35
C ASP A 155 -35.47 -0.83 18.84
N ASN A 156 -35.68 -2.10 19.26
CA ASN A 156 -35.68 -2.50 20.66
C ASN A 156 -35.00 -3.85 20.85
N CYS A 157 -33.68 -3.89 20.61
CA CYS A 157 -32.85 -5.07 20.77
C CYS A 157 -32.46 -5.09 22.24
N THR A 158 -32.22 -6.27 22.78
CA THR A 158 -31.89 -6.35 24.18
C THR A 158 -30.69 -5.48 24.47
N GLY A 159 -30.79 -4.66 25.51
CA GLY A 159 -29.69 -3.80 25.91
C GLY A 159 -29.67 -2.37 25.38
N LEU A 160 -30.57 -1.98 24.49
CA LEU A 160 -30.53 -0.60 24.03
C LEU A 160 -31.34 0.34 24.94
N GLU A 161 -30.79 1.53 25.14
CA GLU A 161 -31.27 2.66 25.96
C GLU A 161 -31.70 3.84 25.10
N GLN A 162 -31.97 4.98 25.74
CA GLN A 162 -32.46 6.20 25.04
C GLN A 162 -31.30 7.08 24.59
N GLU A 163 -31.47 7.79 23.49
CA GLU A 163 -30.44 8.59 22.79
C GLU A 163 -29.66 9.64 23.59
N GLN A 164 -30.08 10.02 24.78
CA GLN A 164 -29.39 11.09 25.57
C GLN A 164 -29.49 12.46 24.91
N MET A 165 -30.57 13.21 25.14
CA MET A 165 -30.76 14.53 24.53
C MET A 165 -31.23 15.52 25.59
N ILE A 166 -30.64 16.73 25.68
CA ILE A 166 -30.99 17.75 26.70
C ILE A 166 -31.82 18.87 26.06
N SER A 167 -33.14 18.92 26.25
CA SER A 167 -33.90 20.07 25.76
C SER A 167 -33.48 21.39 26.40
N CYS A 168 -32.99 22.37 25.57
CA CYS A 168 -32.46 23.68 25.97
C CYS A 168 -33.15 24.85 25.24
N LYS A 169 -33.35 25.95 25.94
CA LYS A 169 -33.90 27.14 25.31
C LYS A 169 -32.89 28.28 25.20
N PHE A 170 -33.01 29.08 24.15
CA PHE A 170 -32.16 30.27 24.07
C PHE A 170 -32.79 31.43 23.29
N ASN A 171 -32.29 32.67 23.53
CA ASN A 171 -32.71 33.92 22.89
C ASN A 171 -31.80 34.30 21.72
N MET A 172 -32.35 34.29 20.47
CA MET A 172 -31.61 34.58 19.22
C MET A 172 -32.21 35.72 18.39
N THR A 173 -31.32 36.54 17.84
CA THR A 173 -31.66 37.71 17.03
C THR A 173 -31.43 37.45 15.55
N GLY A 174 -32.42 37.78 14.74
CA GLY A 174 -32.36 37.58 13.30
C GLY A 174 -32.01 38.86 12.55
N LEU A 175 -32.49 38.98 11.33
CA LEU A 175 -32.17 40.14 10.51
C LEU A 175 -32.86 41.42 10.90
N LYS A 176 -33.86 41.36 11.77
CA LYS A 176 -34.54 42.58 12.16
C LYS A 176 -33.82 43.33 13.27
N ARG A 177 -32.74 42.75 13.82
CA ARG A 177 -31.90 43.39 14.83
C ARG A 177 -32.48 43.76 16.20
N ASP A 178 -33.53 44.56 16.25
CA ASP A 178 -34.08 45.02 17.51
C ASP A 178 -35.20 44.11 18.03
N LYS A 179 -35.39 42.97 17.37
CA LYS A 179 -36.38 41.99 17.74
C LYS A 179 -35.68 40.67 17.90
N SER A 180 -36.16 39.84 18.82
CA SER A 180 -35.57 38.52 19.04
C SER A 180 -36.64 37.52 19.46
N LYS A 181 -36.32 36.24 19.30
CA LYS A 181 -37.22 35.16 19.69
C LYS A 181 -36.53 34.10 20.53
N GLU A 182 -37.32 33.42 21.35
CA GLU A 182 -36.79 32.29 22.10
C GLU A 182 -36.97 31.04 21.24
N TYR A 183 -35.96 30.21 21.18
CA TYR A 183 -36.01 28.96 20.42
C TYR A 183 -35.82 27.71 21.28
N ASN A 184 -36.45 26.60 20.83
CA ASN A 184 -36.36 25.24 21.38
C ASN A 184 -35.30 24.44 20.62
N GLU A 185 -34.17 24.07 21.27
CA GLU A 185 -33.08 23.27 20.66
C GLU A 185 -32.78 22.05 21.50
N THR A 186 -32.77 20.87 20.89
CA THR A 186 -32.44 19.72 21.70
C THR A 186 -31.07 19.22 21.28
N TRP A 187 -30.17 19.17 22.24
CA TRP A 187 -28.78 18.81 22.01
C TRP A 187 -28.49 17.39 22.36
N TYR A 188 -27.54 16.78 21.70
CA TYR A 188 -27.14 15.48 22.18
C TYR A 188 -26.26 15.80 23.36
N SER A 189 -26.20 14.97 24.40
CA SER A 189 -25.39 15.34 25.57
C SER A 189 -23.93 15.53 25.13
N ALA A 190 -23.49 14.77 24.15
CA ALA A 190 -22.11 14.81 23.69
C ALA A 190 -21.68 16.20 23.24
N ASP A 191 -22.64 17.07 22.92
CA ASP A 191 -22.37 18.39 22.43
C ASP A 191 -22.45 19.52 23.45
N LEU A 192 -22.69 19.23 24.74
CA LEU A 192 -22.77 20.29 25.76
C LEU A 192 -21.69 20.25 26.84
N VAL A 193 -21.37 21.42 27.40
CA VAL A 193 -20.41 21.52 28.50
C VAL A 193 -21.06 21.46 29.90
N CYS A 194 -22.01 22.40 30.17
CA CYS A 194 -22.85 22.62 31.36
C CYS A 194 -22.08 23.00 32.63
N GLU A 195 -22.32 24.24 33.05
CA GLU A 195 -21.78 24.84 34.24
C GLU A 195 -22.23 24.06 35.46
N GLN A 196 -21.30 23.81 36.37
CA GLN A 196 -21.62 23.03 37.54
C GLN A 196 -21.49 23.79 38.84
N GLY A 197 -22.31 23.41 39.82
CA GLY A 197 -22.20 23.93 41.18
C GLY A 197 -23.33 24.89 41.62
N ASN A 198 -23.90 24.57 42.81
CA ASN A 198 -24.95 25.25 43.57
C ASN A 198 -26.27 25.57 42.80
N ASN A 199 -26.74 24.63 41.94
CA ASN A 199 -28.05 24.79 41.27
C ASN A 199 -28.99 23.93 42.10
N THR A 200 -29.84 24.61 42.86
CA THR A 200 -30.74 24.00 43.82
C THR A 200 -32.17 24.00 43.32
N GLY A 201 -32.32 24.39 42.07
CA GLY A 201 -33.60 24.52 41.39
C GLY A 201 -33.62 23.69 40.10
N ASN A 202 -33.76 24.39 38.95
CA ASN A 202 -33.84 23.85 37.59
C ASN A 202 -33.15 24.83 36.63
N GLU A 203 -33.18 24.54 35.30
CA GLU A 203 -32.54 25.34 34.22
C GLU A 203 -31.03 25.48 34.40
N SER A 204 -30.31 24.44 34.03
CA SER A 204 -28.87 24.47 34.15
C SER A 204 -28.35 25.38 33.06
N ARG A 205 -27.12 25.85 33.21
CA ARG A 205 -26.54 26.79 32.25
C ARG A 205 -25.45 26.16 31.38
N CYS A 206 -25.78 25.88 30.09
CA CYS A 206 -24.89 25.13 29.17
C CYS A 206 -24.46 25.93 27.94
N TYR A 207 -23.30 25.56 27.43
CA TYR A 207 -22.69 26.10 26.22
C TYR A 207 -22.32 24.96 25.29
N MET A 208 -22.14 25.25 24.00
CA MET A 208 -21.69 24.22 23.06
C MET A 208 -20.30 23.72 23.45
N ASN A 209 -20.08 22.41 23.30
CA ASN A 209 -18.85 21.72 23.70
C ASN A 209 -17.54 22.25 23.18
N HIS A 210 -17.52 22.75 21.97
CA HIS A 210 -16.25 23.24 21.45
C HIS A 210 -16.15 24.75 21.20
N CYS A 211 -17.02 25.58 21.84
CA CYS A 211 -16.99 27.03 21.69
C CYS A 211 -16.41 27.68 22.95
N ASN A 212 -15.46 28.59 22.71
CA ASN A 212 -14.69 29.39 23.68
C ASN A 212 -13.20 29.38 23.31
N THR A 213 -12.67 28.20 22.92
CA THR A 213 -11.31 28.01 22.38
C THR A 213 -11.34 28.23 20.88
N SER A 214 -12.52 28.18 20.30
CA SER A 214 -12.69 28.34 18.88
C SER A 214 -14.10 28.75 18.49
N VAL A 215 -14.31 28.82 17.18
CA VAL A 215 -15.58 29.14 16.54
C VAL A 215 -16.03 27.96 15.71
N ILE A 216 -17.24 27.52 15.95
CA ILE A 216 -17.82 26.39 15.26
C ILE A 216 -18.52 26.87 14.02
N GLN A 217 -18.22 26.26 12.88
CA GLN A 217 -18.87 26.65 11.62
C GLN A 217 -19.80 25.53 11.16
N GLU A 218 -20.97 25.86 10.66
CA GLU A 218 -21.87 24.80 10.20
C GLU A 218 -21.45 24.22 8.86
N SER A 219 -21.42 22.90 8.73
CA SER A 219 -21.08 22.29 7.45
C SER A 219 -22.35 22.19 6.60
N CYS A 220 -22.78 23.34 6.07
CA CYS A 220 -24.06 23.57 5.40
C CYS A 220 -24.21 23.02 3.97
N ASP A 221 -23.14 22.85 3.21
CA ASP A 221 -23.36 22.45 1.81
C ASP A 221 -23.42 20.94 1.55
N LYS A 222 -24.35 20.29 2.22
CA LYS A 222 -24.67 18.87 2.09
C LYS A 222 -23.42 17.98 2.15
N HIS A 223 -22.43 18.31 2.97
CA HIS A 223 -21.25 17.50 2.91
C HIS A 223 -21.52 16.26 3.71
N TYR A 224 -21.08 15.12 3.21
CA TYR A 224 -21.27 13.82 3.84
C TYR A 224 -22.69 13.27 3.66
N TRP A 225 -23.55 13.97 2.91
CA TRP A 225 -24.90 13.48 2.73
C TRP A 225 -25.03 12.50 1.58
N ASP A 226 -23.96 12.38 0.79
CA ASP A 226 -23.91 11.51 -0.37
C ASP A 226 -22.50 10.96 -0.51
N ALA A 227 -22.27 10.13 -1.51
CA ALA A 227 -20.94 9.54 -1.70
C ALA A 227 -20.09 10.36 -2.63
N ILE A 228 -18.82 10.48 -2.29
CA ILE A 228 -17.89 11.16 -3.17
C ILE A 228 -16.93 10.15 -3.74
N ARG A 229 -16.95 10.02 -5.05
CA ARG A 229 -16.12 9.06 -5.71
C ARG A 229 -15.43 9.71 -6.87
N PHE A 230 -14.14 9.48 -7.01
CA PHE A 230 -13.40 10.03 -8.15
C PHE A 230 -12.13 9.26 -8.44
N ARG A 231 -11.56 9.48 -9.61
CA ARG A 231 -10.31 8.82 -9.93
C ARG A 231 -9.31 9.81 -10.42
N TYR A 232 -8.01 9.48 -10.33
CA TYR A 232 -7.00 10.42 -10.81
C TYR A 232 -6.47 10.05 -12.18
N CYS A 233 -6.16 11.07 -13.01
CA CYS A 233 -5.59 10.90 -14.34
C CYS A 233 -4.29 11.69 -14.49
N ALA A 234 -3.30 11.04 -15.10
CA ALA A 234 -2.03 11.65 -15.34
C ALA A 234 -2.18 12.69 -16.44
N PRO A 235 -1.46 13.82 -16.39
CA PRO A 235 -1.38 14.82 -17.41
C PRO A 235 -0.55 14.25 -18.55
N PRO A 236 -0.58 14.85 -19.74
CA PRO A 236 0.16 14.43 -20.90
C PRO A 236 1.63 14.29 -20.62
N GLY A 237 2.18 13.20 -21.11
CA GLY A 237 3.59 12.90 -20.92
C GLY A 237 3.85 12.07 -19.66
N TYR A 238 2.81 11.86 -18.86
CA TYR A 238 2.93 11.10 -17.62
C TYR A 238 2.02 9.88 -17.64
N ALA A 239 2.37 8.90 -16.84
CA ALA A 239 1.60 7.68 -16.77
C ALA A 239 1.62 7.08 -15.39
N LEU A 240 0.67 6.22 -15.13
CA LEU A 240 0.64 5.53 -13.86
C LEU A 240 1.02 4.09 -14.03
N LEU A 241 1.93 3.63 -13.20
CA LEU A 241 2.29 2.24 -13.24
C LEU A 241 1.61 1.65 -12.04
N ARG A 242 1.20 0.41 -12.14
CA ARG A 242 0.57 -0.23 -11.02
C ARG A 242 1.21 -1.59 -10.76
N CYS A 243 1.36 -1.99 -9.48
CA CYS A 243 1.85 -3.33 -9.13
C CYS A 243 0.67 -4.28 -9.07
N ASN A 244 0.66 -5.24 -9.98
CA ASN A 244 -0.46 -6.17 -10.14
C ASN A 244 -0.15 -7.58 -9.60
N ASP A 245 0.70 -7.66 -8.54
CA ASP A 245 1.08 -8.92 -7.90
C ASP A 245 0.00 -9.26 -6.86
N THR A 246 0.16 -10.38 -6.17
CA THR A 246 -0.76 -10.85 -5.14
C THR A 246 0.05 -10.86 -3.88
N ASN A 247 1.34 -10.66 -4.09
CA ASN A 247 2.35 -10.62 -3.04
C ASN A 247 2.66 -9.18 -2.67
N TYR A 248 1.87 -8.26 -3.17
CA TYR A 248 2.11 -6.87 -2.84
C TYR A 248 1.57 -6.64 -1.45
N SER A 249 2.44 -6.13 -0.59
CA SER A 249 2.17 -5.92 0.82
C SER A 249 2.44 -4.48 1.20
N GLY A 250 2.14 -3.58 0.28
CA GLY A 250 2.35 -2.15 0.48
C GLY A 250 3.75 -1.74 0.09
N PHE A 251 4.75 -2.33 0.73
CA PHE A 251 6.16 -2.03 0.37
C PHE A 251 6.73 -3.18 -0.45
N MET A 252 7.11 -2.91 -1.69
CA MET A 252 7.73 -3.94 -2.49
C MET A 252 8.80 -3.39 -3.41
N PRO A 253 10.11 -3.53 -3.12
CA PRO A 253 11.17 -2.95 -3.91
C PRO A 253 11.31 -3.49 -5.35
N LYS A 254 10.84 -4.71 -5.64
CA LYS A 254 10.92 -5.23 -7.00
C LYS A 254 9.68 -6.00 -7.45
N CYS A 255 8.69 -5.28 -8.04
CA CYS A 255 7.43 -5.85 -8.50
C CYS A 255 7.65 -6.26 -9.95
N SER A 256 7.42 -7.54 -10.19
CA SER A 256 7.62 -8.16 -11.49
C SER A 256 6.43 -8.07 -12.41
N LYS A 257 5.28 -7.64 -11.89
CA LYS A 257 4.08 -7.51 -12.70
C LYS A 257 3.65 -6.07 -12.73
N VAL A 258 4.17 -5.34 -13.68
CA VAL A 258 3.90 -3.93 -13.73
C VAL A 258 2.97 -3.66 -14.86
N VAL A 259 1.92 -2.95 -14.55
CA VAL A 259 0.86 -2.62 -15.46
C VAL A 259 0.75 -1.12 -15.68
N VAL A 260 0.63 -0.69 -16.92
CA VAL A 260 0.58 0.74 -17.19
C VAL A 260 -0.75 1.23 -17.73
N SER A 261 -1.17 2.36 -17.19
CA SER A 261 -2.42 3.00 -17.57
C SER A 261 -2.35 4.50 -17.40
N SER A 262 -3.31 5.22 -17.96
CA SER A 262 -3.33 6.67 -17.77
C SER A 262 -4.09 7.21 -16.54
N CYS A 263 -5.07 6.44 -15.99
CA CYS A 263 -5.95 6.82 -14.87
C CYS A 263 -6.05 5.68 -13.84
N THR A 264 -6.29 6.05 -12.58
CA THR A 264 -6.46 5.14 -11.46
C THR A 264 -7.86 4.58 -11.41
N ARG A 265 -8.03 3.60 -10.57
CA ARG A 265 -9.34 3.01 -10.29
C ARG A 265 -10.14 4.05 -9.54
N MET A 266 -11.45 3.86 -9.51
CA MET A 266 -12.33 4.78 -8.81
C MET A 266 -12.20 4.61 -7.31
N MET A 267 -11.97 5.71 -6.61
CA MET A 267 -11.78 5.77 -5.17
C MET A 267 -13.00 6.24 -4.39
N GLU A 268 -13.27 5.59 -3.26
CA GLU A 268 -14.36 6.01 -2.37
C GLU A 268 -13.81 6.81 -1.21
N THR A 269 -14.12 8.10 -1.14
CA THR A 269 -13.50 8.95 -0.12
C THR A 269 -14.28 8.94 1.17
N GLN A 270 -14.32 7.79 1.78
CA GLN A 270 -15.08 7.53 2.99
C GLN A 270 -14.21 7.66 4.22
N THR A 271 -14.74 8.27 5.27
CA THR A 271 -13.99 8.39 6.50
C THR A 271 -14.68 7.74 7.68
N SER A 272 -13.90 6.94 8.40
CA SER A 272 -14.27 6.18 9.59
C SER A 272 -13.06 5.71 10.36
N THR A 273 -13.29 5.22 11.55
CA THR A 273 -12.22 4.60 12.31
C THR A 273 -12.53 3.13 12.47
N TRP A 274 -11.55 2.36 12.88
CA TRP A 274 -11.64 0.92 13.13
C TRP A 274 -11.88 0.10 11.87
N PHE A 275 -13.01 0.28 11.22
CA PHE A 275 -13.29 -0.44 9.99
C PHE A 275 -13.50 0.55 8.88
N GLY A 276 -13.06 0.20 7.68
CA GLY A 276 -13.31 1.01 6.52
C GLY A 276 -14.52 0.44 5.85
N PHE A 277 -15.31 1.28 5.21
CA PHE A 277 -16.52 0.79 4.58
C PHE A 277 -16.50 1.15 3.11
N ASN A 278 -17.22 0.37 2.28
CA ASN A 278 -17.45 0.59 0.84
C ASN A 278 -16.15 0.74 0.01
N GLY A 279 -15.07 0.02 0.33
CA GLY A 279 -13.81 0.11 -0.41
C GLY A 279 -13.91 -0.47 -1.81
N THR A 280 -13.06 0.05 -2.69
CA THR A 280 -13.04 -0.42 -4.06
C THR A 280 -12.19 -1.66 -4.14
N ARG A 281 -11.18 -1.76 -3.28
CA ARG A 281 -10.32 -2.92 -3.32
C ARG A 281 -10.96 -4.05 -2.51
N ALA A 282 -12.05 -4.56 -3.05
CA ALA A 282 -12.78 -5.63 -2.45
C ALA A 282 -12.60 -6.83 -3.35
N GLU A 283 -11.81 -7.75 -2.89
CA GLU A 283 -11.42 -8.92 -3.66
C GLU A 283 -11.69 -10.17 -2.84
N ASN A 284 -11.77 -11.35 -3.50
CA ASN A 284 -11.94 -12.65 -2.83
C ASN A 284 -10.57 -13.15 -2.32
N ARG A 285 -9.95 -12.34 -1.42
CA ARG A 285 -8.62 -12.51 -0.83
C ARG A 285 -8.39 -11.54 0.31
N THR A 286 -7.63 -11.96 1.32
CA THR A 286 -7.26 -11.04 2.40
C THR A 286 -5.83 -10.53 2.18
N TYR A 287 -5.67 -9.22 2.08
CA TYR A 287 -4.36 -8.62 1.89
C TYR A 287 -3.98 -7.82 3.09
N ILE A 288 -2.72 -7.82 3.48
CA ILE A 288 -2.36 -6.90 4.55
C ILE A 288 -1.23 -6.01 4.11
N TYR A 289 -1.47 -4.72 4.07
CA TYR A 289 -0.41 -3.81 3.70
C TYR A 289 0.28 -3.36 4.95
N TRP A 290 1.61 -3.40 4.99
CA TRP A 290 2.33 -2.89 6.16
C TRP A 290 3.18 -1.75 5.70
N HIS A 291 3.35 -0.78 6.59
CA HIS A 291 4.29 0.32 6.29
C HIS A 291 5.63 -0.38 6.24
N GLY A 292 6.52 0.01 5.34
CA GLY A 292 7.87 -0.58 5.34
C GLY A 292 8.64 -0.27 6.61
N ARG A 293 8.58 0.98 7.08
CA ARG A 293 9.36 1.37 8.27
C ARG A 293 8.54 1.32 9.58
N ASP A 294 7.37 0.67 9.61
CA ASP A 294 6.54 0.64 10.79
C ASP A 294 5.74 -0.69 10.94
N ASN A 295 4.93 -0.80 12.03
CA ASN A 295 4.05 -1.92 12.35
C ASN A 295 2.56 -1.62 12.05
N ARG A 296 2.24 -0.50 11.35
CA ARG A 296 0.88 -0.06 11.01
C ARG A 296 0.39 -0.73 9.76
N THR A 297 -0.80 -1.33 9.81
CA THR A 297 -1.29 -2.05 8.67
C THR A 297 -2.74 -1.79 8.29
N ILE A 298 -3.07 -2.12 7.06
CA ILE A 298 -4.47 -2.09 6.67
C ILE A 298 -4.79 -3.47 6.18
N ILE A 299 -5.78 -4.08 6.78
CA ILE A 299 -6.14 -5.43 6.44
C ILE A 299 -7.38 -5.43 5.59
N SER A 300 -7.31 -5.91 4.37
CA SER A 300 -8.55 -5.91 3.61
C SER A 300 -9.31 -7.10 4.10
N LEU A 301 -10.61 -7.15 3.88
CA LEU A 301 -11.34 -8.32 4.29
C LEU A 301 -11.83 -9.08 3.08
N ASN A 302 -11.96 -10.38 3.20
CA ASN A 302 -12.37 -11.24 2.10
C ASN A 302 -13.85 -11.07 1.79
N LYS A 303 -14.15 -10.60 0.58
CA LYS A 303 -15.52 -10.28 0.15
C LYS A 303 -16.41 -11.50 0.13
N TYR A 304 -15.79 -12.67 0.17
CA TYR A 304 -16.47 -13.95 0.18
C TYR A 304 -17.46 -14.06 1.30
N TYR A 305 -17.23 -13.33 2.38
CA TYR A 305 -18.11 -13.45 3.53
C TYR A 305 -19.28 -12.46 3.64
N ASN A 306 -19.46 -11.53 2.62
CA ASN A 306 -20.53 -10.52 2.54
C ASN A 306 -20.70 -9.73 3.85
N LEU A 307 -19.57 -9.22 4.43
CA LEU A 307 -19.58 -8.48 5.70
C LEU A 307 -20.26 -7.15 5.48
N THR A 308 -21.20 -6.83 6.35
CA THR A 308 -21.99 -5.64 6.22
C THR A 308 -22.41 -5.00 7.53
N MET A 309 -22.45 -3.69 7.53
CA MET A 309 -22.91 -2.98 8.71
C MET A 309 -24.13 -2.18 8.41
N LYS A 310 -25.16 -2.41 9.19
CA LYS A 310 -26.41 -1.72 9.01
C LYS A 310 -26.72 -0.86 10.23
N CYS A 311 -26.70 0.49 10.08
CA CYS A 311 -26.89 1.43 11.18
C CYS A 311 -28.21 2.14 11.06
N ARG A 312 -28.81 2.38 12.22
CA ARG A 312 -30.10 3.00 12.31
C ARG A 312 -30.14 4.16 13.29
N ARG A 313 -30.94 5.15 12.94
CA ARG A 313 -31.26 6.31 13.76
C ARG A 313 -32.75 6.33 13.96
N PRO A 314 -33.24 5.77 15.06
CA PRO A 314 -34.63 5.57 15.35
C PRO A 314 -35.25 6.92 15.55
N GLY A 315 -36.53 7.02 15.33
CA GLY A 315 -37.22 8.28 15.53
C GLY A 315 -37.43 8.96 14.19
N ASN A 316 -38.04 10.16 14.24
CA ASN A 316 -38.42 10.99 13.11
C ASN A 316 -38.10 12.45 13.46
N LYS A 317 -36.96 12.98 12.97
CA LYS A 317 -36.50 14.34 13.32
C LYS A 317 -37.20 15.42 12.57
N THR A 318 -37.35 16.51 13.27
CA THR A 318 -37.89 17.74 12.76
C THR A 318 -36.72 18.70 12.70
N VAL A 319 -36.66 19.48 11.64
CA VAL A 319 -35.57 20.43 11.48
C VAL A 319 -36.15 21.83 11.30
N LEU A 320 -35.62 22.78 12.05
CA LEU A 320 -36.11 24.15 11.99
C LEU A 320 -35.05 25.19 11.68
N PRO A 321 -34.98 25.71 10.46
CA PRO A 321 -34.05 26.74 10.08
C PRO A 321 -34.24 28.00 10.94
N VAL A 322 -33.14 28.59 11.38
CA VAL A 322 -33.10 29.81 12.16
C VAL A 322 -32.21 30.82 11.46
N THR A 323 -32.71 32.02 11.23
CA THR A 323 -31.87 33.01 10.57
C THR A 323 -31.13 33.78 11.63
N ILE A 324 -29.81 33.87 11.51
CA ILE A 324 -29.01 34.55 12.51
C ILE A 324 -28.36 35.81 11.99
N MET A 325 -28.70 36.97 12.56
CA MET A 325 -28.08 38.29 12.28
C MET A 325 -27.54 38.67 10.89
N SER A 326 -26.59 37.90 10.36
CA SER A 326 -25.92 38.12 9.09
C SER A 326 -26.80 37.69 7.94
N GLY A 327 -27.82 36.93 8.26
CA GLY A 327 -28.78 36.43 7.31
C GLY A 327 -28.54 34.99 6.91
N LEU A 328 -27.44 34.43 7.36
CA LEU A 328 -27.18 33.05 7.05
C LEU A 328 -27.97 32.19 8.02
N VAL A 329 -28.33 31.00 7.57
CA VAL A 329 -29.16 30.08 8.32
C VAL A 329 -28.51 28.88 9.00
N PHE A 330 -28.91 28.70 10.24
CA PHE A 330 -28.54 27.62 11.14
C PHE A 330 -29.66 26.61 11.21
N HIS A 331 -29.34 25.33 11.20
CA HIS A 331 -30.42 24.35 11.30
C HIS A 331 -30.55 23.76 12.68
N SER A 332 -31.62 24.12 13.37
CA SER A 332 -31.82 23.69 14.74
C SER A 332 -32.52 22.36 14.76
N GLN A 333 -32.57 21.73 15.92
CA GLN A 333 -33.17 20.40 16.08
C GLN A 333 -34.20 20.32 17.24
N PRO A 334 -35.41 20.90 17.12
CA PRO A 334 -36.45 20.96 18.15
C PRO A 334 -37.24 19.68 18.25
N ILE A 335 -36.58 18.59 18.65
CA ILE A 335 -37.25 17.29 18.59
C ILE A 335 -38.37 17.16 19.58
N ASN A 336 -38.15 17.62 20.80
CA ASN A 336 -39.17 17.55 21.83
C ASN A 336 -39.73 16.14 22.02
N ASP A 337 -38.85 15.13 22.00
CA ASP A 337 -39.24 13.73 22.17
C ASP A 337 -38.05 12.99 22.76
N ARG A 338 -38.28 11.69 23.08
CA ARG A 338 -37.26 10.82 23.72
C ARG A 338 -37.09 9.50 22.93
N PRO A 339 -36.34 9.47 21.79
CA PRO A 339 -36.14 8.27 20.98
C PRO A 339 -35.05 7.39 21.55
N LYS A 340 -35.01 6.15 21.06
CA LYS A 340 -34.00 5.16 21.41
C LYS A 340 -32.65 5.52 20.81
N GLN A 341 -31.59 4.91 21.31
CA GLN A 341 -30.25 5.15 20.80
C GLN A 341 -30.05 4.73 19.39
N ALA A 342 -29.22 5.47 18.71
CA ALA A 342 -28.77 5.06 17.40
C ALA A 342 -28.02 3.79 17.65
N TRP A 343 -28.08 2.85 16.74
CA TRP A 343 -27.39 1.61 16.99
C TRP A 343 -26.99 0.96 15.69
N CYS A 344 -26.03 0.01 15.72
CA CYS A 344 -25.56 -0.72 14.52
C CYS A 344 -25.61 -2.21 14.70
N TRP A 345 -26.05 -2.84 13.65
CA TRP A 345 -26.21 -4.26 13.41
C TRP A 345 -25.18 -4.83 12.44
N PHE A 346 -24.40 -5.81 12.88
CA PHE A 346 -23.38 -6.38 12.02
C PHE A 346 -23.79 -7.73 11.43
N GLY A 347 -23.86 -7.79 10.11
CA GLY A 347 -24.27 -9.02 9.42
C GLY A 347 -23.12 -9.61 8.61
N GLY A 348 -23.34 -10.75 7.96
CA GLY A 348 -22.30 -11.42 7.18
C GLY A 348 -21.52 -12.39 8.07
N LYS A 349 -20.62 -13.18 7.50
CA LYS A 349 -19.91 -14.17 8.31
C LYS A 349 -18.68 -13.62 8.98
N TRP A 350 -18.92 -12.80 9.99
CA TRP A 350 -17.85 -12.12 10.71
C TRP A 350 -16.94 -13.05 11.44
N LYS A 351 -17.46 -14.12 11.97
CA LYS A 351 -16.57 -14.99 12.74
C LYS A 351 -15.51 -15.59 11.84
N ASP A 352 -15.89 -15.92 10.62
CA ASP A 352 -14.96 -16.58 9.74
C ASP A 352 -14.05 -15.58 9.08
N ALA A 353 -14.56 -14.38 8.80
CA ALA A 353 -13.69 -13.40 8.19
C ALA A 353 -12.57 -13.03 9.15
N ILE A 354 -12.88 -12.95 10.44
CA ILE A 354 -11.87 -12.62 11.42
C ILE A 354 -10.88 -13.78 11.57
N LYS A 355 -11.35 -15.04 11.56
CA LYS A 355 -10.37 -16.12 11.63
C LYS A 355 -9.40 -16.00 10.47
N GLU A 356 -9.86 -15.64 9.26
CA GLU A 356 -8.92 -15.49 8.17
C GLU A 356 -7.94 -14.38 8.41
N VAL A 357 -8.36 -13.29 9.05
CA VAL A 357 -7.42 -12.23 9.32
C VAL A 357 -6.30 -12.74 10.20
N LYS A 358 -6.63 -13.49 11.22
CA LYS A 358 -5.59 -14.00 12.09
C LYS A 358 -4.63 -14.92 11.35
N GLN A 359 -5.16 -15.77 10.49
CA GLN A 359 -4.34 -16.69 9.73
C GLN A 359 -3.44 -15.96 8.73
N THR A 360 -3.96 -14.91 8.12
CA THR A 360 -3.23 -14.12 7.15
C THR A 360 -2.07 -13.45 7.85
N ILE A 361 -2.28 -12.95 9.06
CA ILE A 361 -1.20 -12.35 9.82
C ILE A 361 -0.14 -13.39 10.13
N VAL A 362 -0.54 -14.58 10.57
CA VAL A 362 0.43 -15.61 10.91
C VAL A 362 1.35 -15.98 9.77
N LYS A 363 0.82 -16.05 8.58
CA LYS A 363 1.56 -16.42 7.39
C LYS A 363 2.27 -15.26 6.67
N HIS A 364 2.10 -14.04 7.15
CA HIS A 364 2.62 -12.87 6.47
C HIS A 364 4.16 -12.77 6.56
N PRO A 365 4.88 -12.39 5.49
CA PRO A 365 6.32 -12.17 5.44
C PRO A 365 6.91 -11.27 6.52
N ARG A 366 6.17 -10.26 6.99
CA ARG A 366 6.73 -9.35 7.99
C ARG A 366 6.41 -9.69 9.42
N TYR A 367 5.74 -10.81 9.63
CA TYR A 367 5.34 -11.17 10.96
C TYR A 367 6.18 -12.31 11.53
N THR A 368 6.75 -12.06 12.69
CA THR A 368 7.59 -13.00 13.42
C THR A 368 7.12 -13.07 14.86
N GLY A 369 5.88 -13.45 15.04
CA GLY A 369 5.23 -13.45 16.34
C GLY A 369 4.80 -14.83 16.71
N THR A 370 3.51 -14.98 16.98
CA THR A 370 3.01 -16.26 17.42
C THR A 370 2.36 -16.95 16.24
N ASN A 371 2.49 -18.29 16.14
CA ASN A 371 1.77 -19.07 15.12
C ASN A 371 0.49 -19.72 15.68
N ASN A 372 0.12 -19.38 16.95
CA ASN A 372 -1.05 -19.86 17.67
C ASN A 372 -2.15 -18.84 17.49
N THR A 373 -3.17 -19.16 16.72
CA THR A 373 -4.21 -18.20 16.41
C THR A 373 -5.09 -17.88 17.60
N ASP A 374 -4.94 -18.62 18.69
CA ASP A 374 -5.73 -18.34 19.87
C ASP A 374 -5.00 -17.34 20.76
N LYS A 375 -3.81 -16.88 20.33
CA LYS A 375 -3.00 -15.92 21.04
C LYS A 375 -2.92 -14.59 20.26
N ILE A 376 -3.73 -14.50 19.24
CA ILE A 376 -3.83 -13.31 18.41
C ILE A 376 -5.24 -12.83 18.70
N ASN A 377 -5.44 -11.55 19.09
CA ASN A 377 -6.75 -11.00 19.46
C ASN A 377 -6.93 -9.60 18.90
N LEU A 378 -8.21 -9.24 18.58
CA LEU A 378 -8.60 -7.88 18.20
C LEU A 378 -8.73 -7.10 19.48
N THR A 379 -8.30 -5.87 19.46
CA THR A 379 -8.47 -5.08 20.65
C THR A 379 -8.65 -3.62 20.39
N ALA A 380 -9.37 -2.97 21.27
CA ALA A 380 -9.56 -1.55 21.17
C ALA A 380 -8.25 -0.90 21.55
N PRO A 381 -7.94 0.29 21.07
CA PRO A 381 -6.80 1.05 21.49
C PRO A 381 -7.11 1.41 22.92
N GLY A 382 -6.08 1.61 23.73
CA GLY A 382 -6.34 1.97 25.11
C GLY A 382 -6.50 3.47 25.31
N GLY A 383 -6.70 3.86 26.56
CA GLY A 383 -6.87 5.26 26.91
C GLY A 383 -8.35 5.55 27.11
N GLY A 384 -8.66 6.73 27.62
CA GLY A 384 -10.05 7.11 27.86
C GLY A 384 -10.56 8.08 26.81
N ASP A 385 -9.77 8.26 25.76
CA ASP A 385 -10.02 9.21 24.68
C ASP A 385 -11.02 8.68 23.64
N PRO A 386 -12.24 9.24 23.52
CA PRO A 386 -13.29 8.78 22.64
C PRO A 386 -12.90 8.75 21.17
N GLU A 387 -11.88 9.52 20.80
CA GLU A 387 -11.45 9.57 19.41
C GLU A 387 -10.88 8.25 18.94
N VAL A 388 -10.34 7.46 19.88
CA VAL A 388 -9.77 6.19 19.48
C VAL A 388 -10.61 5.03 20.01
N THR A 389 -11.28 5.21 21.15
CA THR A 389 -11.98 4.09 21.75
C THR A 389 -13.35 3.79 21.15
N PHE A 390 -13.96 4.73 20.42
CA PHE A 390 -15.24 4.49 19.78
C PHE A 390 -15.10 4.33 18.29
N MET A 391 -15.94 3.53 17.68
CA MET A 391 -15.90 3.47 16.24
C MET A 391 -16.64 4.64 15.67
N TRP A 392 -16.00 5.45 14.82
CA TRP A 392 -16.65 6.65 14.29
C TRP A 392 -17.07 6.41 12.85
N THR A 393 -18.35 6.52 12.53
CA THR A 393 -18.90 6.28 11.20
C THR A 393 -19.90 7.34 10.71
N ASN A 394 -19.91 7.56 9.40
CA ASN A 394 -20.78 8.52 8.71
C ASN A 394 -22.04 7.96 8.07
N CYS A 395 -23.25 8.29 8.57
CA CYS A 395 -24.49 7.82 7.96
C CYS A 395 -25.23 9.02 7.37
N ARG A 396 -25.02 9.23 6.08
CA ARG A 396 -25.71 10.30 5.40
C ARG A 396 -25.70 11.65 6.12
N GLY A 397 -24.56 12.10 6.65
CA GLY A 397 -24.54 13.43 7.28
C GLY A 397 -24.49 13.46 8.79
N GLU A 398 -24.78 12.36 9.47
CA GLU A 398 -24.67 12.39 10.93
C GLU A 398 -23.61 11.43 11.42
N PHE A 399 -22.72 11.91 12.28
CA PHE A 399 -21.66 11.03 12.76
C PHE A 399 -22.01 10.32 14.01
N LEU A 400 -21.77 9.05 13.96
CA LEU A 400 -22.08 8.15 15.03
C LEU A 400 -20.82 7.60 15.68
N TYR A 401 -20.84 7.55 17.01
CA TYR A 401 -19.71 6.99 17.80
C TYR A 401 -20.18 5.74 18.52
N CYS A 402 -19.75 4.55 18.13
CA CYS A 402 -20.23 3.25 18.64
C CYS A 402 -19.29 2.62 19.66
N LYS A 403 -19.90 2.07 20.69
CA LYS A 403 -19.16 1.37 21.72
C LYS A 403 -19.19 -0.10 21.36
N MET A 404 -18.05 -0.66 21.00
CA MET A 404 -18.04 -2.00 20.45
C MET A 404 -17.65 -3.17 21.32
N ASN A 405 -17.76 -3.08 22.62
CA ASN A 405 -17.39 -4.23 23.41
C ASN A 405 -18.29 -5.44 23.16
N TRP A 406 -19.58 -5.22 22.90
CA TRP A 406 -20.44 -6.38 22.71
C TRP A 406 -20.05 -7.11 21.45
N PHE A 407 -19.73 -6.34 20.42
CA PHE A 407 -19.35 -6.89 19.14
C PHE A 407 -18.07 -7.64 19.23
N LEU A 408 -17.05 -7.04 19.85
CA LEU A 408 -15.78 -7.73 19.87
C LEU A 408 -15.88 -9.00 20.66
N ASN A 409 -16.64 -8.99 21.76
CA ASN A 409 -16.73 -10.20 22.54
C ASN A 409 -17.38 -11.28 21.71
N TRP A 410 -18.41 -10.92 20.95
CA TRP A 410 -19.06 -11.88 20.09
C TRP A 410 -18.22 -12.42 18.97
N VAL A 411 -17.57 -11.56 18.20
CA VAL A 411 -16.89 -12.04 17.01
C VAL A 411 -15.72 -12.93 17.38
N GLU A 412 -15.09 -12.67 18.50
CA GLU A 412 -13.97 -13.46 18.97
C GLU A 412 -14.43 -14.66 19.81
N ASP A 413 -15.73 -14.75 20.08
CA ASP A 413 -16.32 -15.77 20.96
C ASP A 413 -15.52 -15.77 22.25
N ARG A 414 -15.28 -14.58 22.77
CA ARG A 414 -14.48 -14.33 23.93
C ARG A 414 -15.14 -14.77 25.21
N ASN A 415 -14.34 -15.25 26.12
CA ASN A 415 -14.84 -15.57 27.44
C ASN A 415 -14.78 -14.26 28.17
N THR A 416 -15.93 -13.65 28.38
CA THR A 416 -16.00 -12.33 28.95
C THR A 416 -15.64 -12.43 30.41
N ALA A 417 -16.56 -12.98 31.20
CA ALA A 417 -16.36 -13.32 32.62
C ALA A 417 -16.13 -12.15 33.58
N ASN A 418 -15.10 -11.33 33.32
CA ASN A 418 -14.75 -10.21 34.19
C ASN A 418 -14.50 -8.92 33.42
N GLN A 419 -15.56 -8.39 32.82
CA GLN A 419 -15.52 -7.15 32.04
C GLN A 419 -16.57 -6.15 32.51
N LYS A 420 -17.03 -6.29 33.74
CA LYS A 420 -18.09 -5.48 34.37
C LYS A 420 -19.45 -5.85 33.75
N PRO A 421 -20.53 -6.18 34.52
CA PRO A 421 -21.79 -6.68 33.94
C PRO A 421 -22.21 -6.19 32.55
N LYS A 422 -22.22 -4.87 32.32
CA LYS A 422 -22.73 -4.31 31.04
C LYS A 422 -21.90 -4.77 29.83
N GLU A 423 -20.58 -4.88 29.97
CA GLU A 423 -19.73 -5.21 28.80
C GLU A 423 -19.56 -6.74 28.66
N GLN A 424 -20.18 -7.52 29.55
CA GLN A 424 -19.95 -9.00 29.52
C GLN A 424 -20.94 -9.71 28.59
N HIS A 425 -21.54 -9.01 27.62
CA HIS A 425 -22.49 -9.62 26.70
C HIS A 425 -21.85 -9.95 25.36
N LYS A 426 -22.42 -10.94 24.66
CA LYS A 426 -21.96 -11.24 23.31
C LYS A 426 -23.09 -10.98 22.33
N ARG A 427 -22.95 -9.92 21.54
CA ARG A 427 -24.03 -9.54 20.66
C ARG A 427 -23.52 -9.14 19.30
N ASN A 428 -24.34 -9.24 18.27
CA ASN A 428 -23.86 -8.78 16.97
C ASN A 428 -24.37 -7.41 16.60
N TYR A 429 -24.55 -6.60 17.61
CA TYR A 429 -24.97 -5.25 17.46
C TYR A 429 -24.37 -4.45 18.58
N VAL A 430 -24.26 -3.16 18.39
CA VAL A 430 -23.71 -2.29 19.41
C VAL A 430 -24.57 -1.04 19.60
N PRO A 431 -24.61 -0.45 20.80
CA PRO A 431 -25.26 0.81 21.10
C PRO A 431 -24.35 1.85 20.55
N CYS A 432 -24.88 3.01 20.12
CA CYS A 432 -24.09 4.11 19.59
C CYS A 432 -24.77 5.43 19.94
N HIS A 433 -24.06 6.54 19.76
CA HIS A 433 -24.67 7.85 19.97
C HIS A 433 -24.31 8.83 18.87
N ILE A 434 -25.19 9.79 18.63
CA ILE A 434 -24.99 10.86 17.66
C ILE A 434 -24.28 12.05 18.25
N ARG A 435 -23.29 12.55 17.54
CA ARG A 435 -22.59 13.75 17.95
C ARG A 435 -22.65 14.75 16.81
N GLN A 436 -23.12 15.98 17.08
CA GLN A 436 -23.21 16.98 16.02
C GLN A 436 -22.01 17.91 15.93
N ILE A 437 -21.22 18.08 16.99
CA ILE A 437 -20.07 18.98 16.84
C ILE A 437 -18.85 18.09 16.73
N ILE A 438 -18.30 18.10 15.53
CA ILE A 438 -17.24 17.21 15.14
C ILE A 438 -15.91 17.85 14.89
N ASN A 439 -14.91 17.27 15.51
CA ASN A 439 -13.51 17.63 15.32
C ASN A 439 -13.16 16.86 14.07
N THR A 440 -12.84 17.53 13.00
CA THR A 440 -12.68 16.85 11.75
C THR A 440 -11.46 15.94 11.71
N TRP A 441 -11.45 15.03 10.73
CA TRP A 441 -10.40 14.01 10.59
C TRP A 441 -8.99 14.41 10.18
N HIS A 442 -8.79 15.53 9.51
CA HIS A 442 -7.42 15.83 9.11
C HIS A 442 -6.71 16.50 10.28
N LYS A 443 -5.43 16.83 10.12
CA LYS A 443 -4.69 17.39 11.25
C LYS A 443 -4.89 18.88 11.36
N VAL A 444 -6.12 19.24 11.71
CA VAL A 444 -6.53 20.63 11.80
C VAL A 444 -6.99 21.12 13.17
N GLY A 445 -7.78 20.31 13.89
CA GLY A 445 -8.35 20.78 15.17
C GLY A 445 -9.56 21.69 14.97
N LYS A 446 -10.14 21.63 13.78
CA LYS A 446 -11.30 22.43 13.42
C LYS A 446 -12.59 21.73 13.79
N ASN A 447 -13.50 22.49 14.39
CA ASN A 447 -14.79 21.97 14.79
C ASN A 447 -15.90 22.51 13.92
N VAL A 448 -16.70 21.58 13.40
CA VAL A 448 -17.81 21.97 12.57
C VAL A 448 -19.10 21.38 13.11
N TYR A 449 -20.20 22.00 12.75
CA TYR A 449 -21.50 21.50 13.18
C TYR A 449 -22.19 20.79 12.05
N LEU A 450 -22.64 19.57 12.31
CA LEU A 450 -23.31 18.82 11.28
C LEU A 450 -24.81 18.99 11.44
N PRO A 451 -25.52 19.55 10.45
CA PRO A 451 -26.93 19.77 10.52
C PRO A 451 -27.58 18.42 10.69
N PRO A 452 -28.71 18.31 11.36
CA PRO A 452 -29.48 17.10 11.53
C PRO A 452 -30.14 16.72 10.23
N ARG A 453 -30.39 15.45 10.04
CA ARG A 453 -31.19 15.07 8.89
C ARG A 453 -32.64 14.97 9.28
N GLU A 454 -33.51 15.52 8.46
CA GLU A 454 -34.95 15.45 8.70
C GLU A 454 -35.43 14.05 8.42
N GLY A 455 -36.35 13.54 9.23
CA GLY A 455 -36.86 12.19 9.03
C GLY A 455 -36.05 11.16 9.80
N ASP A 456 -36.09 9.93 9.34
CA ASP A 456 -35.42 8.82 9.99
C ASP A 456 -34.19 8.44 9.17
N LEU A 457 -33.17 7.84 9.78
CA LEU A 457 -32.06 7.40 8.92
C LEU A 457 -31.72 5.96 9.06
N THR A 458 -31.38 5.39 7.93
CA THR A 458 -30.86 4.06 7.86
C THR A 458 -29.73 4.06 6.81
N CYS A 459 -28.61 3.34 7.08
CA CYS A 459 -27.50 3.15 6.14
C CYS A 459 -27.09 1.69 6.11
N ASN A 460 -26.93 1.14 4.90
CA ASN A 460 -26.47 -0.23 4.76
C ASN A 460 -25.17 -0.26 3.96
N SER A 461 -24.01 -0.40 4.64
CA SER A 461 -22.67 -0.33 4.02
C SER A 461 -21.96 -1.65 4.01
N THR A 462 -21.02 -1.82 3.09
CA THR A 462 -20.25 -3.06 3.13
C THR A 462 -19.04 -2.81 3.98
N VAL A 463 -18.45 -3.86 4.52
CA VAL A 463 -17.24 -3.66 5.29
C VAL A 463 -16.11 -4.21 4.49
N THR A 464 -15.14 -3.38 4.17
CA THR A 464 -14.09 -3.84 3.31
C THR A 464 -12.73 -3.90 3.94
N SER A 465 -12.51 -3.20 5.05
CA SER A 465 -11.19 -3.25 5.65
C SER A 465 -11.21 -3.08 7.14
N LEU A 466 -10.17 -3.55 7.77
CA LEU A 466 -9.94 -3.44 9.18
C LEU A 466 -8.65 -2.62 9.34
N ILE A 467 -8.73 -1.47 9.99
CA ILE A 467 -7.56 -0.60 10.09
C ILE A 467 -6.95 -0.85 11.45
N ALA A 468 -5.72 -1.35 11.51
CA ALA A 468 -5.16 -1.72 12.81
C ALA A 468 -3.67 -1.76 12.82
N ASN A 469 -3.08 -1.68 14.00
CA ASN A 469 -1.64 -1.89 14.10
C ASN A 469 -1.44 -3.32 14.57
N ILE A 470 -0.37 -3.98 14.17
CA ILE A 470 -0.15 -5.31 14.71
C ILE A 470 1.02 -5.15 15.66
N ASP A 471 0.87 -5.51 16.94
CA ASP A 471 1.96 -5.18 17.83
C ASP A 471 2.20 -6.27 18.87
N TRP A 472 3.31 -6.98 18.73
CA TRP A 472 3.62 -8.12 19.57
C TRP A 472 5.04 -7.95 20.07
N ILE A 473 5.37 -8.52 21.22
CA ILE A 473 6.72 -8.39 21.74
C ILE A 473 7.39 -9.72 22.02
N ASP A 474 6.64 -10.78 21.83
CA ASP A 474 7.02 -12.13 22.14
C ASP A 474 6.25 -13.08 21.24
N GLY A 475 6.46 -14.37 21.40
CA GLY A 475 5.80 -15.42 20.62
C GLY A 475 4.38 -15.86 21.12
N ASN A 476 3.83 -15.12 22.11
CA ASN A 476 2.54 -15.25 22.79
C ASN A 476 1.96 -13.84 23.04
N GLN A 477 0.75 -13.56 22.47
CA GLN A 477 -0.03 -12.29 22.46
C GLN A 477 0.43 -11.30 21.39
N THR A 478 -0.38 -11.18 20.35
CA THR A 478 -0.09 -10.30 19.20
C THR A 478 -0.82 -8.96 19.01
N ASN A 479 -1.94 -8.74 19.73
CA ASN A 479 -2.79 -7.55 19.70
C ASN A 479 -2.91 -6.84 18.34
N ILE A 480 -4.05 -7.06 17.62
CA ILE A 480 -4.41 -6.33 16.41
C ILE A 480 -5.16 -5.14 16.95
N THR A 481 -4.51 -4.02 17.00
CA THR A 481 -5.07 -2.90 17.72
C THR A 481 -5.78 -2.00 16.78
N MET A 482 -7.05 -1.80 17.00
CA MET A 482 -7.83 -1.05 16.07
C MET A 482 -7.30 0.37 16.07
N SER A 483 -7.25 0.97 14.90
CA SER A 483 -6.72 2.32 14.77
C SER A 483 -7.68 3.37 14.27
N ALA A 484 -7.41 4.61 14.64
CA ALA A 484 -8.20 5.77 14.27
C ALA A 484 -7.54 6.60 13.18
N GLU A 485 -6.51 6.09 12.56
CA GLU A 485 -5.82 6.86 11.54
C GLU A 485 -6.56 6.75 10.23
N VAL A 486 -7.66 7.45 10.12
CA VAL A 486 -8.51 7.31 8.95
C VAL A 486 -7.82 7.64 7.65
N ALA A 487 -6.85 8.53 7.68
CA ALA A 487 -6.18 8.89 6.46
C ALA A 487 -5.53 7.68 5.77
N GLU A 488 -5.08 6.68 6.51
CA GLU A 488 -4.39 5.56 5.86
C GLU A 488 -5.33 4.74 5.01
N LEU A 489 -6.61 4.88 5.16
CA LEU A 489 -7.54 4.12 4.36
C LEU A 489 -7.33 4.41 2.87
N TYR A 490 -6.88 5.62 2.54
CA TYR A 490 -6.66 6.05 1.16
C TYR A 490 -5.51 5.27 0.54
N ARG A 491 -4.65 4.70 1.41
CA ARG A 491 -3.44 3.95 0.99
C ARG A 491 -3.79 2.49 0.73
N LEU A 492 -5.06 2.12 0.82
CA LEU A 492 -5.50 0.80 0.40
C LEU A 492 -6.24 0.99 -0.92
N GLU A 493 -6.94 2.14 -1.03
CA GLU A 493 -7.72 2.47 -2.24
C GLU A 493 -6.81 2.67 -3.44
N LEU A 494 -5.67 3.30 -3.20
CA LEU A 494 -4.68 3.54 -4.21
C LEU A 494 -3.48 2.73 -3.75
N GLY A 495 -2.35 3.34 -3.44
CA GLY A 495 -1.26 2.54 -2.86
C GLY A 495 -0.37 1.79 -3.83
N ASP A 496 -0.97 0.99 -4.70
CA ASP A 496 -0.21 0.20 -5.66
C ASP A 496 0.17 0.96 -6.92
N TYR A 497 -0.11 2.26 -6.94
CA TYR A 497 0.23 3.10 -8.08
C TYR A 497 1.54 3.82 -7.88
N LYS A 498 2.22 4.08 -8.98
CA LYS A 498 3.40 4.91 -9.01
C LYS A 498 3.23 5.90 -10.15
N LEU A 499 3.55 7.16 -9.93
CA LEU A 499 3.44 8.12 -11.03
C LEU A 499 4.79 8.34 -11.67
N VAL A 500 4.85 8.17 -13.00
CA VAL A 500 6.11 8.34 -13.70
C VAL A 500 6.02 9.29 -14.87
N GLU A 501 7.15 9.91 -15.17
CA GLU A 501 7.34 10.80 -16.29
C GLU A 501 7.97 10.08 -17.45
N ILE A 502 7.40 10.20 -18.63
CA ILE A 502 8.00 9.60 -19.79
C ILE A 502 9.03 10.61 -20.30
N THR A 503 10.26 10.14 -20.51
CA THR A 503 11.34 11.03 -20.91
C THR A 503 12.03 10.49 -22.15
N PRO A 504 11.40 10.55 -23.32
CA PRO A 504 11.78 9.79 -24.50
C PRO A 504 12.95 10.30 -25.32
N ILE A 505 14.03 10.67 -24.65
CA ILE A 505 15.24 11.06 -25.34
C ILE A 505 16.37 10.24 -24.78
N GLY A 506 17.06 9.49 -25.63
CA GLY A 506 18.15 8.69 -25.15
C GLY A 506 19.45 9.00 -25.86
N LEU A 507 20.53 8.54 -25.26
CA LEU A 507 21.86 8.73 -25.82
C LEU A 507 22.50 7.37 -25.92
N ALA A 508 23.30 7.06 -26.93
CA ALA A 508 23.94 5.75 -26.95
C ALA A 508 24.98 5.72 -28.05
N PRO A 509 26.18 5.20 -27.81
CA PRO A 509 27.23 5.19 -28.76
C PRO A 509 26.87 4.35 -29.96
N THR A 510 27.12 4.93 -31.12
CA THR A 510 26.90 4.30 -32.41
C THR A 510 27.73 4.94 -33.51
N SER A 511 28.04 4.19 -34.54
CA SER A 511 28.77 4.78 -35.66
C SER A 511 27.82 5.08 -36.81
N CYS A 512 27.53 6.37 -36.99
CA CYS A 512 26.61 6.84 -38.03
C CYS A 512 26.69 8.34 -38.16
N LYS A 513 27.86 8.90 -37.98
CA LYS A 513 28.06 10.35 -38.00
C LYS A 513 27.68 11.01 -39.32
N ARG A 514 26.96 12.14 -39.23
CA ARG A 514 26.56 12.94 -40.39
C ARG A 514 27.80 13.38 -41.18
N TYR A 515 27.70 13.37 -42.54
CA TYR A 515 28.74 13.73 -43.54
C TYR A 515 30.19 13.69 -43.01
N GLY B 6 -3.75 8.47 -23.01
CA GLY B 6 -3.86 8.89 -24.39
C GLY B 6 -3.62 7.73 -25.40
N PHE B 7 -2.62 6.87 -25.11
CA PHE B 7 -2.18 5.73 -25.94
C PHE B 7 -1.05 4.99 -25.19
N LEU B 8 -0.06 5.75 -24.70
CA LEU B 8 1.10 5.25 -23.94
C LEU B 8 1.90 4.16 -24.66
N GLY B 9 2.08 4.37 -25.94
CA GLY B 9 2.79 3.47 -26.84
C GLY B 9 4.28 3.48 -26.57
N PHE B 10 4.74 4.45 -25.79
CA PHE B 10 6.15 4.54 -25.47
C PHE B 10 6.45 3.43 -24.48
N LEU B 11 5.64 3.36 -23.44
CA LEU B 11 5.86 2.43 -22.36
C LEU B 11 5.49 1.05 -22.80
N ALA B 12 4.62 0.96 -23.79
CA ALA B 12 4.17 -0.31 -24.33
C ALA B 12 5.29 -1.21 -24.83
N THR B 13 6.43 -0.66 -25.27
CA THR B 13 7.48 -1.54 -25.80
C THR B 13 8.59 -1.78 -24.78
N ALA B 14 8.39 -1.28 -23.57
CA ALA B 14 9.40 -1.43 -22.56
C ALA B 14 9.65 -2.93 -22.32
N GLY B 15 10.92 -3.26 -22.12
CA GLY B 15 11.33 -4.64 -21.89
C GLY B 15 11.75 -5.36 -23.18
N SER B 16 11.66 -4.68 -24.33
CA SER B 16 12.01 -5.28 -25.63
C SER B 16 13.49 -5.24 -26.04
N ALA B 17 14.32 -4.59 -25.24
CA ALA B 17 15.75 -4.32 -25.46
C ALA B 17 15.90 -3.07 -26.32
N MET B 18 17.08 -2.45 -26.29
CA MET B 18 17.35 -1.21 -27.04
C MET B 18 17.28 -1.45 -28.54
N GLY B 19 17.98 -2.46 -29.01
CA GLY B 19 17.93 -2.76 -30.42
C GLY B 19 16.53 -3.26 -30.67
N ALA B 20 15.95 -2.81 -31.77
CA ALA B 20 14.59 -3.16 -32.16
C ALA B 20 13.54 -2.69 -31.12
N ALA B 21 13.90 -1.70 -30.27
CA ALA B 21 12.95 -1.17 -29.30
C ALA B 21 11.77 -0.52 -29.99
N SER B 22 12.05 0.09 -31.16
CA SER B 22 11.10 0.82 -31.99
C SER B 22 10.85 2.20 -31.42
N LEU B 23 11.40 3.21 -32.07
CA LEU B 23 11.22 4.55 -31.55
C LEU B 23 10.12 5.23 -32.33
N THR B 24 9.28 6.00 -31.63
CA THR B 24 8.22 6.75 -32.31
C THR B 24 8.33 8.25 -32.03
N LEU B 25 8.38 9.06 -33.11
CA LEU B 25 8.58 10.51 -32.99
C LEU B 25 7.30 11.33 -32.90
N THR B 26 6.17 10.67 -33.12
CA THR B 26 4.87 11.33 -33.12
C THR B 26 4.22 11.20 -31.76
N ALA B 27 4.85 10.42 -30.91
CA ALA B 27 4.31 10.04 -29.63
C ALA B 27 4.09 11.24 -28.68
N GLN B 28 4.96 12.25 -28.68
CA GLN B 28 4.71 13.37 -27.78
C GLN B 28 3.60 14.25 -28.32
N SER B 29 3.47 14.31 -29.65
CA SER B 29 2.43 15.13 -30.21
C SER B 29 1.11 14.51 -29.82
N ARG B 30 1.02 13.18 -29.87
CA ARG B 30 -0.21 12.51 -29.52
C ARG B 30 -0.58 12.62 -28.05
N THR B 31 0.40 12.60 -27.14
CA THR B 31 0.02 12.72 -25.74
C THR B 31 -0.47 14.14 -25.48
N LEU B 32 0.16 15.14 -26.13
CA LEU B 32 -0.26 16.50 -25.90
C LEU B 32 -1.63 16.76 -26.47
N LEU B 33 -1.89 16.27 -27.69
CA LEU B 33 -3.15 16.49 -28.36
C LEU B 33 -4.30 15.86 -27.62
N ALA B 34 -4.13 14.65 -27.09
CA ALA B 34 -5.23 14.03 -26.37
C ALA B 34 -5.57 14.87 -25.14
N GLY B 35 -4.52 15.38 -24.48
CA GLY B 35 -4.64 16.21 -23.31
C GLY B 35 -5.33 17.52 -23.57
N ILE B 36 -4.88 18.24 -24.58
CA ILE B 36 -5.45 19.53 -24.84
C ILE B 36 -6.92 19.41 -25.17
N VAL B 37 -7.32 18.44 -25.96
CA VAL B 37 -8.73 18.41 -26.27
C VAL B 37 -9.58 18.17 -25.04
N GLN B 38 -9.22 17.22 -24.17
CA GLN B 38 -10.07 16.98 -23.01
C GLN B 38 -10.07 18.14 -22.03
N GLN B 39 -8.92 18.80 -21.87
CA GLN B 39 -8.88 19.88 -20.92
C GLN B 39 -9.65 21.09 -21.46
N GLN B 40 -9.63 21.32 -22.78
CA GLN B 40 -10.39 22.43 -23.35
C GLN B 40 -11.86 22.23 -23.18
N GLN B 41 -12.31 20.99 -23.30
CA GLN B 41 -13.73 20.74 -23.13
C GLN B 41 -14.12 21.08 -21.71
N GLN B 42 -13.27 20.73 -20.73
CA GLN B 42 -13.60 21.06 -19.35
C GLN B 42 -13.53 22.56 -19.07
N LEU B 43 -12.62 23.27 -19.74
CA LEU B 43 -12.53 24.71 -19.51
C LEU B 43 -13.84 25.40 -19.89
N LEU B 44 -14.46 24.91 -20.96
CA LEU B 44 -15.69 25.50 -21.43
C LEU B 44 -16.90 25.00 -20.63
N ASP B 45 -16.80 23.79 -20.07
CA ASP B 45 -17.85 23.18 -19.25
C ASP B 45 -17.96 23.79 -17.83
N VAL B 46 -16.84 24.13 -17.17
CA VAL B 46 -16.97 24.60 -15.78
C VAL B 46 -17.88 25.84 -15.65
N PRO B 47 -17.76 26.90 -16.51
CA PRO B 47 -18.54 28.13 -16.53
C PRO B 47 -20.04 27.92 -16.64
N LYS B 48 -20.48 26.72 -17.05
CA LYS B 48 -21.90 26.44 -17.14
C LYS B 48 -22.55 26.57 -15.77
N ARG B 49 -21.77 26.29 -14.71
CA ARG B 49 -22.27 26.37 -13.35
C ARG B 49 -21.44 27.33 -12.48
N GLN B 50 -20.14 27.42 -12.75
CA GLN B 50 -19.25 28.26 -11.93
C GLN B 50 -18.25 29.02 -12.76
N GLN B 51 -18.61 30.20 -13.24
CA GLN B 51 -17.69 30.96 -14.06
C GLN B 51 -16.79 31.85 -13.22
N GLU B 52 -17.30 32.34 -12.10
CA GLU B 52 -16.49 33.28 -11.35
C GLU B 52 -15.27 32.65 -10.69
N LEU B 53 -15.45 31.54 -9.99
CA LEU B 53 -14.34 30.94 -9.27
C LEU B 53 -13.58 29.92 -10.10
N LEU B 54 -13.01 30.36 -11.21
CA LEU B 54 -12.25 29.46 -12.09
C LEU B 54 -10.80 29.27 -11.68
N ARG B 55 -10.21 30.29 -11.05
CA ARG B 55 -8.80 30.19 -10.61
C ARG B 55 -8.62 30.65 -9.16
N LEU B 56 -9.65 31.21 -8.54
CA LEU B 56 -9.54 31.75 -7.20
C LEU B 56 -9.24 30.66 -6.19
N THR B 57 -9.98 29.58 -6.30
CA THR B 57 -9.83 28.49 -5.37
C THR B 57 -8.79 27.51 -5.87
N VAL B 58 -8.31 26.66 -4.98
CA VAL B 58 -7.23 25.72 -5.26
C VAL B 58 -7.38 24.81 -6.47
N TRP B 59 -8.56 24.31 -6.75
CA TRP B 59 -8.63 23.39 -7.88
C TRP B 59 -8.21 24.05 -9.19
N GLY B 60 -8.40 25.36 -9.31
CA GLY B 60 -8.12 26.05 -10.54
C GLY B 60 -6.67 26.42 -10.65
N THR B 61 -5.89 26.23 -9.60
CA THR B 61 -4.51 26.59 -9.66
C THR B 61 -3.73 25.30 -9.80
N LYS B 62 -4.31 24.20 -9.28
CA LYS B 62 -3.69 22.91 -9.46
C LYS B 62 -3.89 22.49 -10.91
N ASN B 63 -5.09 22.72 -11.45
CA ASN B 63 -5.34 22.38 -12.82
C ASN B 63 -4.53 23.32 -13.70
N LEU B 64 -4.29 24.56 -13.26
CA LEU B 64 -3.49 25.41 -14.11
C LEU B 64 -2.09 24.84 -14.16
N GLN B 65 -1.54 24.39 -13.03
CA GLN B 65 -0.19 23.86 -13.10
C GLN B 65 -0.12 22.64 -14.01
N THR B 66 -1.13 21.78 -14.01
CA THR B 66 -1.07 20.61 -14.89
C THR B 66 -1.21 20.99 -16.38
N ARG B 67 -2.03 22.00 -16.71
CA ARG B 67 -2.16 22.44 -18.11
C ARG B 67 -0.85 23.11 -18.56
N VAL B 68 -0.27 23.90 -17.66
CA VAL B 68 0.99 24.58 -17.94
C VAL B 68 2.07 23.56 -18.13
N THR B 69 2.12 22.53 -17.29
CA THR B 69 3.12 21.49 -17.43
C THR B 69 2.99 20.81 -18.79
N ALA B 70 1.78 20.51 -19.24
CA ALA B 70 1.67 19.84 -20.53
C ALA B 70 2.32 20.69 -21.63
N ILE B 71 2.12 22.00 -21.58
CA ILE B 71 2.70 22.89 -22.59
C ILE B 71 4.19 23.07 -22.40
N GLU B 72 4.64 23.30 -21.18
CA GLU B 72 6.05 23.52 -20.95
C GLU B 72 6.85 22.28 -21.26
N LYS B 73 6.32 21.10 -20.97
CA LYS B 73 7.03 19.87 -21.22
C LYS B 73 7.19 19.64 -22.72
N TYR B 74 6.13 19.86 -23.48
CA TYR B 74 6.19 19.72 -24.92
C TYR B 74 7.25 20.65 -25.48
N LEU B 75 7.19 21.91 -25.05
CA LEU B 75 8.14 22.87 -25.54
C LEU B 75 9.56 22.60 -25.07
N LYS B 76 9.78 22.09 -23.85
CA LYS B 76 11.17 21.78 -23.48
C LYS B 76 11.74 20.74 -24.41
N ASP B 77 10.95 19.73 -24.80
CA ASP B 77 11.52 18.74 -25.70
C ASP B 77 11.83 19.36 -27.05
N GLN B 78 10.93 20.22 -27.55
CA GLN B 78 11.20 20.80 -28.85
C GLN B 78 12.35 21.79 -28.81
N ALA B 79 12.48 22.53 -27.72
CA ALA B 79 13.54 23.50 -27.59
C ALA B 79 14.88 22.80 -27.46
N GLN B 80 14.93 21.69 -26.71
CA GLN B 80 16.21 21.02 -26.58
C GLN B 80 16.59 20.39 -27.89
N LEU B 81 15.60 19.86 -28.61
CA LEU B 81 15.90 19.24 -29.88
C LEU B 81 16.36 20.25 -30.90
N ASN B 82 15.77 21.45 -30.92
CA ASN B 82 16.21 22.47 -31.86
C ASN B 82 17.58 23.02 -31.47
N ALA B 83 17.91 23.01 -30.17
CA ALA B 83 19.23 23.45 -29.77
C ALA B 83 20.28 22.49 -30.35
N TRP B 84 19.93 21.19 -30.36
CA TRP B 84 20.78 20.16 -30.96
C TRP B 84 20.66 20.18 -32.48
N GLY B 85 19.48 20.60 -32.96
CA GLY B 85 19.09 20.82 -34.34
C GLY B 85 18.41 19.64 -35.02
N CYS B 86 18.61 18.46 -34.50
CA CYS B 86 18.08 17.25 -35.12
C CYS B 86 16.71 16.82 -34.62
N ALA B 87 15.77 17.75 -34.65
CA ALA B 87 14.44 17.49 -34.08
C ALA B 87 13.68 16.36 -34.75
N PHE B 88 13.85 16.20 -36.05
CA PHE B 88 13.10 15.17 -36.74
C PHE B 88 14.01 14.19 -37.45
N ARG B 89 15.16 13.89 -36.82
CA ARG B 89 16.12 12.96 -37.44
C ARG B 89 16.31 11.59 -36.77
N GLN B 90 15.42 11.18 -35.86
CA GLN B 90 15.40 9.85 -35.20
C GLN B 90 16.60 9.46 -34.35
N VAL B 91 17.75 9.26 -35.02
CA VAL B 91 19.02 8.90 -34.39
C VAL B 91 19.89 10.14 -34.38
N CYS B 92 19.51 11.14 -35.17
CA CYS B 92 20.13 12.46 -35.27
C CYS B 92 21.53 12.53 -35.89
N CYS B 93 22.37 11.56 -35.56
CA CYS B 93 23.70 11.39 -36.13
C CYS B 93 24.61 12.59 -35.88
N THR B 94 24.62 13.04 -34.64
CA THR B 94 25.43 14.16 -34.22
C THR B 94 26.89 13.78 -34.17
N THR B 95 27.75 14.79 -34.07
CA THR B 95 29.19 14.64 -34.15
C THR B 95 29.97 14.57 -32.84
N VAL B 96 29.28 14.63 -31.72
CA VAL B 96 29.94 14.57 -30.42
C VAL B 96 30.32 13.13 -30.12
N PRO B 97 31.58 12.80 -29.79
CA PRO B 97 32.05 11.46 -29.47
C PRO B 97 31.49 11.01 -28.15
N TRP B 98 31.32 9.70 -28.00
CA TRP B 98 30.85 9.15 -26.74
C TRP B 98 31.97 9.30 -25.69
N PRO B 99 31.70 9.81 -24.45
CA PRO B 99 32.68 10.05 -23.38
C PRO B 99 33.72 8.95 -23.06
N ASN B 100 33.35 7.63 -22.94
CA ASN B 100 34.35 6.57 -22.74
C ASN B 100 33.83 5.18 -23.14
N ALA B 101 34.76 4.22 -23.29
CA ALA B 101 34.53 2.81 -23.67
C ALA B 101 34.04 1.95 -22.53
N SER B 102 33.96 2.55 -21.36
CA SER B 102 33.52 1.85 -20.18
C SER B 102 32.00 1.77 -20.13
N LEU B 103 31.33 2.57 -20.97
CA LEU B 103 29.88 2.62 -20.99
C LEU B 103 29.32 2.37 -22.37
N ILE B 104 29.33 1.12 -22.79
CA ILE B 104 28.85 0.74 -24.10
C ILE B 104 27.65 -0.18 -23.86
N PRO B 105 26.48 0.08 -24.45
CA PRO B 105 25.27 -0.67 -24.27
C PRO B 105 25.33 -2.02 -24.90
N LYS B 106 24.59 -2.93 -24.33
CA LYS B 106 24.41 -4.22 -24.93
C LYS B 106 23.15 -4.07 -25.74
N TRP B 107 23.32 -3.64 -26.99
CA TRP B 107 22.17 -3.28 -27.81
C TRP B 107 21.15 -4.42 -27.91
N ASN B 108 21.62 -5.65 -27.90
CA ASN B 108 20.69 -6.79 -28.00
C ASN B 108 20.23 -7.45 -26.68
N ASN B 109 20.68 -6.95 -25.49
CA ASN B 109 20.36 -7.51 -24.16
C ASN B 109 19.65 -6.51 -23.23
N GLU B 110 20.15 -5.25 -23.16
CA GLU B 110 19.66 -4.17 -22.28
C GLU B 110 18.49 -3.44 -22.89
N THR B 111 17.61 -2.95 -22.02
CA THR B 111 16.44 -2.15 -22.35
C THR B 111 16.76 -0.67 -22.21
N TRP B 112 16.09 0.21 -22.97
CA TRP B 112 16.37 1.64 -22.84
C TRP B 112 16.18 2.14 -21.40
N GLN B 113 15.28 1.54 -20.65
CA GLN B 113 15.05 1.92 -19.26
C GLN B 113 16.24 1.62 -18.37
N GLU B 114 16.96 0.54 -18.68
CA GLU B 114 18.10 0.11 -17.88
C GLU B 114 19.32 0.91 -18.27
N TRP B 115 19.43 1.15 -19.56
CA TRP B 115 20.53 1.88 -20.15
C TRP B 115 20.56 3.33 -19.77
N GLU B 116 19.43 4.01 -19.85
CA GLU B 116 19.48 5.43 -19.57
C GLU B 116 19.93 5.70 -18.14
N ARG B 117 19.62 4.82 -17.22
CA ARG B 117 20.02 5.05 -15.83
C ARG B 117 21.52 4.86 -15.62
N LYS B 118 22.23 4.35 -16.63
CA LYS B 118 23.67 4.16 -16.57
C LYS B 118 24.40 5.34 -17.18
N VAL B 119 23.67 6.29 -17.78
CA VAL B 119 24.31 7.44 -18.42
C VAL B 119 23.79 8.78 -17.89
N ASP B 120 23.09 8.76 -16.75
CA ASP B 120 22.55 9.99 -16.15
C ASP B 120 23.63 11.01 -15.81
N PHE B 121 24.81 10.52 -15.50
CA PHE B 121 25.92 11.36 -15.15
C PHE B 121 26.72 11.76 -16.37
N LEU B 122 26.33 11.29 -17.56
CA LEU B 122 27.02 11.71 -18.76
C LEU B 122 26.21 12.80 -19.43
N GLU B 123 24.87 12.68 -19.33
CA GLU B 123 23.95 13.60 -20.00
C GLU B 123 24.21 15.03 -19.61
N GLU B 124 24.59 15.26 -18.36
CA GLU B 124 24.87 16.61 -17.91
C GLU B 124 25.95 17.33 -18.75
N ASN B 125 27.01 16.59 -19.19
CA ASN B 125 28.13 17.10 -20.00
C ASN B 125 27.79 17.05 -21.50
N ILE B 126 27.09 15.96 -21.93
CA ILE B 126 26.72 15.68 -23.30
C ILE B 126 25.74 16.69 -23.85
N THR B 127 24.72 17.06 -23.08
CA THR B 127 23.78 18.01 -23.62
C THR B 127 24.50 19.24 -24.11
N ALA B 128 25.42 19.77 -23.29
CA ALA B 128 26.17 20.95 -23.69
C ALA B 128 27.03 20.69 -24.92
N LEU B 129 27.66 19.52 -24.99
CA LEU B 129 28.51 19.22 -26.13
C LEU B 129 27.72 19.12 -27.43
N LEU B 130 26.52 18.55 -27.36
CA LEU B 130 25.69 18.39 -28.54
C LEU B 130 25.28 19.75 -29.05
N GLU B 131 24.97 20.66 -28.13
CA GLU B 131 24.61 22.01 -28.54
C GLU B 131 25.81 22.71 -29.15
N GLU B 132 27.01 22.53 -28.58
CA GLU B 132 28.19 23.20 -29.12
C GLU B 132 28.50 22.73 -30.52
N ALA B 133 28.34 21.43 -30.77
CA ALA B 133 28.60 20.91 -32.09
C ALA B 133 27.65 21.51 -33.11
N GLN B 134 26.37 21.67 -32.73
CA GLN B 134 25.41 22.26 -33.64
C GLN B 134 25.71 23.73 -33.86
N ILE B 135 26.19 24.41 -32.83
CA ILE B 135 26.50 25.82 -32.95
C ILE B 135 27.63 26.03 -33.94
N GLN B 136 28.69 25.21 -33.89
CA GLN B 136 29.75 25.42 -34.86
C GLN B 136 29.28 25.12 -36.27
N GLN B 137 28.44 24.10 -36.45
CA GLN B 137 27.96 23.82 -37.80
C GLN B 137 27.18 25.03 -38.32
N GLU B 138 26.39 25.65 -37.45
CA GLU B 138 25.64 26.82 -37.82
C GLU B 138 26.54 27.99 -38.15
N LYS B 139 27.64 28.17 -37.40
CA LYS B 139 28.61 29.23 -37.68
C LYS B 139 29.23 29.04 -39.05
N ASN B 140 29.51 27.79 -39.42
CA ASN B 140 30.13 27.54 -40.70
C ASN B 140 29.16 27.93 -41.82
N MET B 141 27.88 27.58 -41.65
CA MET B 141 26.90 27.93 -42.67
C MET B 141 26.65 29.43 -42.70
N TYR B 142 26.70 30.08 -41.55
CA TYR B 142 26.52 31.52 -41.51
C TYR B 142 27.53 32.18 -42.42
N GLU B 143 28.79 31.79 -42.30
CA GLU B 143 29.82 32.38 -43.13
C GLU B 143 29.61 32.03 -44.61
N LEU B 144 29.17 30.81 -44.91
CA LEU B 144 28.95 30.48 -46.32
C LEU B 144 27.83 31.32 -46.93
N GLN B 145 26.76 31.56 -46.18
CA GLN B 145 25.64 32.38 -46.67
C GLN B 145 26.03 33.84 -46.80
N LYS B 146 26.80 34.35 -45.84
CA LYS B 146 27.28 35.74 -45.92
C LYS B 146 28.24 35.97 -47.10
N LEU B 147 29.16 35.00 -47.37
CA LEU B 147 30.15 35.00 -48.43
C LEU B 147 29.88 33.80 -49.33
N GLN C 21 16.67 -35.10 8.26
CA GLN C 21 15.86 -33.99 7.76
C GLN C 21 15.48 -34.17 6.28
N LEU C 22 16.40 -33.89 5.31
CA LEU C 22 16.14 -34.03 3.86
C LEU C 22 16.90 -35.20 3.30
N GLN C 23 16.16 -36.18 2.81
CA GLN C 23 16.77 -37.38 2.25
C GLN C 23 16.38 -37.57 0.80
N GLU C 24 17.33 -37.43 -0.13
CA GLU C 24 16.92 -37.58 -1.52
C GLU C 24 16.95 -39.05 -1.92
N SER C 25 16.53 -39.34 -3.16
CA SER C 25 16.51 -40.71 -3.67
C SER C 25 16.18 -40.85 -5.15
N GLY C 26 16.81 -41.79 -5.83
CA GLY C 26 16.44 -42.11 -7.20
C GLY C 26 17.48 -42.99 -7.86
N PRO C 27 17.25 -43.43 -9.10
CA PRO C 27 18.12 -44.29 -9.86
C PRO C 27 19.48 -43.67 -10.03
N GLY C 28 20.52 -44.46 -9.86
CA GLY C 28 21.88 -43.94 -10.04
C GLY C 28 22.19 -43.82 -11.51
N VAL C 29 21.60 -44.71 -12.32
CA VAL C 29 21.87 -44.68 -13.75
C VAL C 29 20.59 -44.60 -14.55
N VAL C 30 20.57 -43.62 -15.43
CA VAL C 30 19.47 -43.37 -16.34
C VAL C 30 20.06 -43.26 -17.74
N ARG C 31 19.25 -43.42 -18.76
CA ARG C 31 19.77 -43.31 -20.11
C ARG C 31 19.45 -41.99 -20.80
N PRO C 32 20.21 -41.62 -21.84
CA PRO C 32 19.94 -40.49 -22.67
C PRO C 32 18.55 -40.67 -23.24
N SER C 33 17.87 -39.56 -23.41
CA SER C 33 16.50 -39.46 -23.92
C SER C 33 15.43 -40.00 -22.97
N GLN C 34 15.81 -40.39 -21.76
CA GLN C 34 14.83 -40.82 -20.78
C GLN C 34 14.50 -39.69 -19.84
N THR C 35 13.57 -39.93 -18.94
CA THR C 35 13.22 -38.93 -17.95
C THR C 35 13.68 -39.39 -16.57
N LEU C 36 14.39 -38.49 -15.89
CA LEU C 36 14.90 -38.73 -14.55
C LEU C 36 13.92 -38.31 -13.51
N SER C 37 13.81 -39.11 -12.46
CA SER C 37 13.01 -38.67 -11.34
C SER C 37 13.82 -38.83 -10.08
N LEU C 38 13.60 -37.88 -9.17
CA LEU C 38 14.23 -37.84 -7.85
C LEU C 38 13.25 -37.41 -6.79
N THR C 39 13.10 -38.21 -5.74
CA THR C 39 12.13 -37.86 -4.70
C THR C 39 12.77 -37.72 -3.34
N CYS C 40 12.54 -36.57 -2.72
CA CYS C 40 13.08 -36.29 -1.42
C CYS C 40 12.08 -36.31 -0.30
N ALA C 41 12.40 -37.08 0.73
CA ALA C 41 11.54 -37.19 1.89
C ALA C 41 11.93 -36.19 2.94
N VAL C 42 10.91 -35.66 3.59
CA VAL C 42 11.10 -34.71 4.67
C VAL C 42 10.78 -35.39 5.99
N SER C 43 11.76 -35.42 6.89
CA SER C 43 11.63 -36.09 8.16
C SER C 43 11.69 -35.14 9.35
N GLY C 44 10.65 -35.17 10.17
CA GLY C 44 10.55 -34.30 11.35
C GLY C 44 9.83 -33.00 11.03
N ASP C 45 9.38 -32.90 9.79
CA ASP C 45 8.67 -31.76 9.25
C ASP C 45 7.76 -32.29 8.15
N THR C 46 7.01 -31.41 7.51
CA THR C 46 6.09 -31.75 6.43
C THR C 46 6.37 -30.93 5.19
N VAL C 47 5.53 -31.08 4.16
CA VAL C 47 5.77 -30.33 2.93
C VAL C 47 4.75 -29.26 2.70
N SER C 48 3.92 -29.04 3.71
CA SER C 48 2.90 -28.02 3.76
C SER C 48 3.21 -26.93 4.78
N SER C 49 4.41 -26.96 5.38
CA SER C 49 4.77 -25.96 6.39
C SER C 49 4.85 -24.56 5.80
N CYS C 50 4.41 -23.59 6.57
CA CYS C 50 4.37 -22.21 6.10
C CYS C 50 5.68 -21.52 5.83
N CYS C 51 5.69 -20.82 4.69
CA CYS C 51 6.79 -19.98 4.19
C CYS C 51 8.12 -20.67 3.89
N PHE C 52 8.09 -21.86 3.33
CA PHE C 52 9.31 -22.57 2.91
C PHE C 52 9.21 -22.92 1.47
N PHE C 53 10.34 -23.12 0.81
CA PHE C 53 10.30 -23.54 -0.56
C PHE C 53 11.02 -24.84 -0.67
N TRP C 54 10.59 -25.72 -1.54
CA TRP C 54 11.30 -26.94 -1.69
C TRP C 54 12.11 -26.82 -2.96
N THR C 55 13.42 -26.81 -2.85
CA THR C 55 14.22 -26.55 -4.02
C THR C 55 15.21 -27.62 -4.33
N TRP C 56 15.69 -27.56 -5.57
CA TRP C 56 16.75 -28.42 -6.04
C TRP C 56 17.86 -27.66 -6.75
N ILE C 57 19.08 -28.12 -6.56
CA ILE C 57 20.23 -27.61 -7.30
C ILE C 57 20.97 -28.83 -7.88
N ARG C 58 21.88 -28.58 -8.83
CA ARG C 58 22.74 -29.62 -9.36
C ARG C 58 24.20 -29.28 -9.24
N GLN C 59 25.02 -30.29 -9.07
CA GLN C 59 26.46 -30.11 -9.11
C GLN C 59 27.14 -31.16 -9.99
N PRO C 60 27.32 -30.91 -11.29
CA PRO C 60 27.97 -31.80 -12.23
C PRO C 60 29.34 -32.04 -11.65
N PRO C 61 29.96 -33.21 -11.80
CA PRO C 61 31.28 -33.47 -11.26
C PRO C 61 32.24 -32.42 -11.80
N GLY C 62 33.04 -31.85 -10.91
CA GLY C 62 34.04 -30.84 -11.31
C GLY C 62 33.48 -29.42 -11.44
N LYS C 63 32.17 -29.25 -11.23
CA LYS C 63 31.52 -27.96 -11.39
C LYS C 63 30.99 -27.38 -10.09
N GLY C 64 30.48 -26.14 -10.19
CA GLY C 64 29.92 -25.44 -9.05
C GLY C 64 28.45 -25.78 -8.92
N LEU C 65 27.72 -24.95 -8.20
CA LEU C 65 26.33 -25.22 -7.89
C LEU C 65 25.35 -24.51 -8.82
N GLU C 66 24.48 -25.26 -9.49
CA GLU C 66 23.48 -24.71 -10.39
C GLU C 66 22.08 -24.81 -9.83
N TRP C 67 21.39 -23.70 -9.66
CA TRP C 67 20.02 -23.82 -9.16
C TRP C 67 19.14 -24.31 -10.29
N ILE C 68 18.26 -25.28 -10.04
CA ILE C 68 17.39 -25.73 -11.13
C ILE C 68 15.93 -25.40 -10.92
N GLY C 69 15.46 -25.41 -9.67
CA GLY C 69 14.06 -25.08 -9.48
C GLY C 69 13.58 -25.02 -8.03
N ASN C 70 12.37 -24.49 -7.89
CA ASN C 70 11.67 -24.21 -6.64
C ASN C 70 10.14 -24.36 -6.65
N ILE C 71 9.59 -25.10 -5.67
CA ILE C 71 8.13 -25.11 -5.49
C ILE C 71 7.78 -24.51 -4.12
N SER C 72 5.91 -24.05 -0.66
CA SER C 72 5.16 -24.95 0.20
C SER C 72 3.66 -24.69 0.36
N TYR C 73 6.82 -23.60 -4.07
CA TYR C 73 6.47 -22.98 -2.78
C TYR C 73 5.57 -23.87 -1.94
N ASP C 74 3.25 -23.43 0.44
CA ASP C 74 1.85 -23.09 0.69
C ASP C 74 1.04 -22.86 -0.58
N ASN C 75 1.61 -23.11 -1.74
CA ASN C 75 0.90 -22.85 -2.97
C ASN C 75 1.35 -23.82 -4.05
N ASP C 76 0.80 -23.71 -5.25
CA ASP C 76 1.18 -24.59 -6.36
C ASP C 76 2.08 -23.87 -7.35
N ASN C 77 2.59 -22.73 -6.93
CA ASN C 77 3.47 -21.90 -7.74
C ASN C 77 4.90 -22.39 -7.72
N THR C 78 5.55 -22.32 -8.89
CA THR C 78 6.93 -22.70 -9.04
C THR C 78 7.77 -21.66 -9.76
N ASN C 79 9.07 -21.79 -9.59
CA ASN C 79 10.11 -21.00 -10.24
C ASN C 79 11.18 -21.91 -10.79
N TYR C 80 11.48 -21.80 -12.07
CA TYR C 80 12.49 -22.68 -12.64
C TYR C 80 13.60 -21.89 -13.26
N ASN C 81 14.78 -22.48 -13.29
CA ASN C 81 15.89 -21.88 -13.99
C ASN C 81 15.50 -21.88 -15.44
N PRO C 82 15.42 -20.74 -16.13
CA PRO C 82 15.01 -20.62 -17.51
C PRO C 82 15.72 -21.57 -18.47
N SER C 83 16.95 -22.00 -18.17
CA SER C 83 17.63 -22.91 -19.10
C SER C 83 16.94 -24.26 -19.21
N LEU C 84 16.12 -24.60 -18.22
CA LEU C 84 15.37 -25.84 -18.16
C LEU C 84 13.88 -25.54 -18.28
N LYS C 85 13.50 -24.40 -18.81
CA LYS C 85 12.09 -24.02 -18.85
C LYS C 85 11.16 -25.11 -19.38
N THR C 86 11.58 -25.86 -20.40
CA THR C 86 10.74 -26.89 -20.98
C THR C 86 11.15 -28.32 -20.59
N ARG C 87 12.15 -28.43 -19.72
CA ARG C 87 12.69 -29.72 -19.30
C ARG C 87 12.40 -30.13 -17.85
N ILE C 88 12.24 -29.16 -16.97
CA ILE C 88 12.09 -29.47 -15.55
C ILE C 88 10.68 -29.24 -15.01
N SER C 89 10.24 -30.17 -14.19
CA SER C 89 8.97 -30.07 -13.51
C SER C 89 9.11 -30.49 -12.03
N ILE C 90 8.55 -29.67 -11.14
CA ILE C 90 8.60 -29.91 -9.69
C ILE C 90 7.20 -30.01 -9.09
N SER C 91 7.02 -31.00 -8.24
CA SER C 91 5.75 -31.22 -7.55
C SER C 91 5.96 -31.66 -6.11
N LYS C 92 4.88 -31.60 -5.32
CA LYS C 92 4.90 -31.99 -3.90
C LYS C 92 3.72 -32.91 -3.58
N ASP C 93 3.89 -33.78 -2.59
CA ASP C 93 2.82 -34.68 -2.16
C ASP C 93 2.73 -34.77 -0.63
N MET C 94 1.68 -34.12 -0.13
CA MET C 94 1.46 -33.95 1.30
C MET C 94 1.09 -35.23 2.02
N SER C 95 0.73 -36.28 1.29
CA SER C 95 0.37 -37.52 1.95
C SER C 95 1.61 -38.34 2.25
N LYS C 96 2.74 -37.92 1.67
CA LYS C 96 3.99 -38.64 1.79
C LYS C 96 5.06 -37.82 2.50
N ASN C 97 4.85 -36.49 2.59
CA ASN C 97 5.85 -35.55 3.09
C ASN C 97 7.05 -35.63 2.17
N GLN C 98 6.76 -35.69 0.88
CA GLN C 98 7.78 -35.76 -0.15
C GLN C 98 7.61 -34.72 -1.24
N PHE C 99 8.71 -34.40 -1.89
CA PHE C 99 8.68 -33.54 -3.07
C PHE C 99 9.63 -34.10 -4.10
N SER C 100 9.39 -33.78 -5.37
CA SER C 100 10.22 -34.39 -6.40
C SER C 100 10.42 -33.63 -7.70
N LEU C 101 11.48 -34.08 -8.39
CA LEU C 101 11.84 -33.67 -9.74
C LEU C 101 11.46 -34.65 -10.79
N LYS C 102 11.13 -34.08 -11.93
CA LYS C 102 10.99 -34.80 -13.16
C LYS C 102 11.80 -34.01 -14.20
N LEU C 103 12.86 -34.62 -14.75
CA LEU C 103 13.69 -33.93 -15.75
C LEU C 103 13.71 -34.70 -17.06
N ASN C 104 13.15 -34.11 -18.12
CA ASN C 104 13.03 -34.84 -19.37
C ASN C 104 14.22 -34.63 -20.29
N SER C 105 14.24 -35.38 -21.40
CA SER C 105 15.26 -35.27 -22.44
C SER C 105 16.67 -35.33 -21.89
N LEU C 106 16.98 -36.33 -21.08
CA LEU C 106 18.30 -36.44 -20.49
C LEU C 106 19.44 -36.59 -21.46
N THR C 107 20.54 -35.94 -21.13
CA THR C 107 21.77 -36.06 -21.89
C THR C 107 22.98 -36.23 -20.98
N ALA C 108 24.14 -36.42 -21.58
CA ALA C 108 25.37 -36.64 -20.82
C ALA C 108 25.71 -35.50 -19.86
N THR C 109 25.36 -34.28 -20.22
CA THR C 109 25.68 -33.10 -19.45
C THR C 109 24.80 -32.95 -18.22
N ASP C 110 23.82 -33.84 -18.06
CA ASP C 110 22.94 -33.80 -16.91
C ASP C 110 23.48 -34.67 -15.78
N THR C 111 24.67 -35.25 -15.97
CA THR C 111 25.24 -36.01 -14.88
C THR C 111 25.57 -35.01 -13.79
N ALA C 112 25.07 -35.25 -12.60
CA ALA C 112 25.28 -34.31 -11.50
C ALA C 112 24.86 -34.86 -10.19
N ILE C 113 25.31 -34.22 -9.13
CA ILE C 113 24.77 -34.55 -7.85
C ILE C 113 23.57 -33.65 -7.66
N TYR C 114 22.43 -34.25 -7.42
CA TYR C 114 21.21 -33.49 -7.23
C TYR C 114 21.00 -33.30 -5.74
N TYR C 115 20.73 -32.08 -5.32
CA TYR C 115 20.56 -31.81 -3.90
C TYR C 115 19.29 -31.07 -3.58
N CYS C 116 18.71 -31.37 -2.42
CA CYS C 116 17.57 -30.62 -1.91
C CYS C 116 17.91 -29.57 -0.86
N ALA C 117 17.07 -28.54 -0.82
CA ALA C 117 17.20 -27.50 0.19
C ALA C 117 15.87 -26.81 0.51
N ARG C 118 15.79 -26.11 1.66
CA ARG C 118 14.54 -25.41 2.06
C ARG C 118 14.40 -23.94 1.64
N GLU C 119 15.51 -23.29 1.39
CA GLU C 119 15.50 -21.88 1.01
C GLU C 119 14.62 -21.07 1.96
N SER C 120 14.81 -21.23 3.25
CA SER C 120 13.99 -20.56 4.23
C SER C 120 14.14 -19.04 4.12
N PRO C 121 13.06 -18.27 4.21
CA PRO C 121 13.08 -16.83 4.27
C PRO C 121 13.46 -16.39 5.64
N SER C 122 14.05 -15.23 5.76
CA SER C 122 14.22 -14.66 7.08
C SER C 122 13.04 -13.75 7.26
N ARG C 123 12.07 -14.18 8.03
CA ARG C 123 10.86 -13.41 8.17
C ARG C 123 11.17 -12.26 9.07
N GLY C 124 10.48 -11.15 8.92
CA GLY C 124 10.78 -10.00 9.76
C GLY C 124 10.71 -8.71 9.00
N ASN C 125 11.29 -7.66 9.55
CA ASN C 125 11.19 -6.34 8.94
C ASN C 125 12.00 -6.15 7.66
N PHE C 126 12.71 -7.17 7.22
CA PHE C 126 13.42 -7.08 5.93
C PHE C 126 12.78 -7.92 4.80
N CYS C 127 11.65 -8.64 5.07
CA CYS C 127 10.97 -9.53 4.15
C CYS C 127 9.62 -8.93 3.78
N TYR C 128 9.41 -8.70 2.50
CA TYR C 128 8.20 -8.04 2.06
C TYR C 128 7.28 -9.00 1.33
N ALA C 129 7.90 -9.92 0.61
CA ALA C 129 7.19 -10.89 -0.19
C ALA C 129 8.02 -12.13 -0.32
N TYR C 130 7.41 -13.27 -0.53
CA TYR C 130 8.23 -14.46 -0.69
C TYR C 130 8.62 -14.64 -2.16
N LEU C 131 9.38 -13.67 -2.66
CA LEU C 131 9.85 -13.54 -4.03
C LEU C 131 11.34 -13.29 -4.07
N TYR C 132 11.99 -13.67 -5.14
CA TYR C 132 13.40 -13.33 -5.19
C TYR C 132 13.51 -11.85 -5.35
N GLY C 133 14.41 -11.25 -4.59
CA GLY C 133 14.65 -9.82 -4.67
C GLY C 133 13.84 -9.02 -3.65
N ASN C 134 12.84 -9.65 -3.01
CA ASN C 134 12.00 -8.95 -2.02
C ASN C 134 11.98 -9.54 -0.59
N CYS C 135 12.97 -10.41 -0.23
CA CYS C 135 13.07 -11.11 1.06
C CYS C 135 14.44 -11.76 1.17
N PRO C 136 15.13 -11.71 2.31
CA PRO C 136 16.31 -12.49 2.53
C PRO C 136 15.89 -13.95 2.38
N LEU C 137 16.63 -14.73 1.62
CA LEU C 137 16.32 -16.12 1.38
C LEU C 137 17.62 -16.90 1.39
N HIS C 138 17.67 -17.99 2.11
CA HIS C 138 18.87 -18.78 2.12
C HIS C 138 18.68 -20.27 2.29
N PHE C 139 19.62 -21.05 1.76
CA PHE C 139 19.52 -22.48 1.88
C PHE C 139 20.19 -22.94 3.16
N ASP C 140 19.50 -22.85 4.28
CA ASP C 140 20.11 -23.25 5.55
C ASP C 140 20.18 -24.76 5.65
N LEU C 141 19.08 -25.39 5.36
CA LEU C 141 18.96 -26.83 5.42
C LEU C 141 19.09 -27.48 4.06
N TRP C 142 20.07 -28.39 3.99
CA TRP C 142 20.46 -29.17 2.83
C TRP C 142 20.35 -30.65 3.06
N GLY C 143 20.10 -31.38 1.98
CA GLY C 143 20.06 -32.83 2.01
C GLY C 143 21.44 -33.45 1.80
N GLN C 144 21.48 -34.72 1.40
CA GLN C 144 22.75 -35.44 1.28
C GLN C 144 23.36 -35.34 -0.10
N GLY C 145 22.49 -35.42 -1.11
CA GLY C 145 22.91 -35.39 -2.49
C GLY C 145 22.93 -36.75 -3.19
N VAL C 146 22.32 -36.84 -4.36
CA VAL C 146 22.28 -38.08 -5.13
C VAL C 146 22.97 -37.94 -6.46
N LEU C 147 23.98 -38.78 -6.70
CA LEU C 147 24.68 -38.68 -7.96
C LEU C 147 24.02 -39.51 -9.00
N VAL C 148 23.62 -38.82 -10.06
CA VAL C 148 22.93 -39.44 -11.17
C VAL C 148 23.80 -39.37 -12.40
N THR C 149 24.03 -40.53 -12.98
CA THR C 149 24.82 -40.69 -14.20
C THR C 149 23.93 -40.95 -15.39
N VAL C 150 24.17 -40.21 -16.46
CA VAL C 150 23.41 -40.45 -17.67
C VAL C 150 24.37 -41.17 -18.61
N SER C 151 24.02 -42.39 -18.98
CA SER C 151 24.92 -43.23 -19.78
C SER C 151 24.12 -44.30 -20.54
N SER C 152 24.78 -44.98 -21.51
CA SER C 152 24.21 -46.07 -22.33
C SER C 152 24.34 -47.45 -21.62
N ASP D 20 20.46 -12.32 -16.75
CA ASP D 20 20.74 -12.66 -15.35
C ASP D 20 22.01 -11.92 -14.86
N ILE D 21 22.36 -12.12 -13.56
CA ILE D 21 23.50 -11.51 -12.89
C ILE D 21 24.66 -12.47 -12.90
N LEU D 22 25.79 -11.98 -13.38
CA LEU D 22 26.99 -12.78 -13.41
C LEU D 22 27.78 -12.52 -12.18
N LEU D 23 27.98 -13.57 -11.40
CA LEU D 23 28.66 -13.52 -10.15
C LEU D 23 29.98 -14.27 -10.29
N THR D 24 31.07 -13.59 -9.99
CA THR D 24 32.40 -14.17 -10.14
C THR D 24 33.13 -14.13 -8.81
N GLN D 25 34.18 -14.94 -8.68
CA GLN D 25 34.92 -14.95 -7.42
C GLN D 25 36.42 -14.89 -7.60
N SER D 26 37.12 -14.31 -6.63
CA SER D 26 38.57 -14.22 -6.67
C SER D 26 39.23 -14.11 -5.28
N PRO D 27 40.41 -14.72 -5.09
CA PRO D 27 41.18 -15.61 -5.95
C PRO D 27 40.48 -16.92 -6.12
N SER D 28 40.68 -17.59 -7.26
CA SER D 28 40.11 -18.91 -7.47
C SER D 28 40.81 -19.98 -6.63
N SER D 29 42.06 -19.70 -6.27
CA SER D 29 42.85 -20.61 -5.46
C SER D 29 43.73 -19.81 -4.52
N LEU D 30 43.49 -19.97 -3.24
CA LEU D 30 44.24 -19.25 -2.24
C LEU D 30 44.48 -20.14 -1.02
N SER D 31 45.46 -19.78 -0.24
CA SER D 31 45.77 -20.53 0.96
C SER D 31 46.41 -19.65 1.99
N GLY D 32 46.57 -20.19 3.17
CA GLY D 32 47.22 -19.50 4.26
C GLY D 32 47.47 -20.53 5.32
N SER D 33 48.16 -20.14 6.37
CA SER D 33 48.46 -21.10 7.39
C SER D 33 47.38 -21.15 8.42
N VAL D 34 47.35 -22.23 9.16
CA VAL D 34 46.37 -22.27 10.22
C VAL D 34 46.72 -21.17 11.19
N GLY D 35 45.73 -20.36 11.52
CA GLY D 35 45.85 -19.21 12.39
C GLY D 35 45.92 -17.87 11.64
N ASP D 36 46.08 -17.89 10.30
CA ASP D 36 46.14 -16.61 9.59
C ASP D 36 44.76 -16.07 9.23
N ARG D 37 44.75 -14.88 8.64
CA ARG D 37 43.51 -14.26 8.19
C ARG D 37 43.34 -14.50 6.71
N VAL D 38 42.25 -15.13 6.34
CA VAL D 38 42.02 -15.48 4.94
C VAL D 38 40.70 -14.92 4.41
N THR D 39 40.73 -14.22 3.27
CA THR D 39 39.49 -13.67 2.72
C THR D 39 39.23 -14.02 1.26
N ILE D 40 37.94 -14.06 0.92
CA ILE D 40 37.44 -14.29 -0.44
C ILE D 40 36.55 -13.14 -0.90
N THR D 41 36.77 -12.62 -2.11
CA THR D 41 35.93 -11.53 -2.59
C THR D 41 35.07 -11.99 -3.78
N CYS D 42 33.75 -11.67 -3.74
CA CYS D 42 32.77 -11.93 -4.79
C CYS D 42 32.33 -10.63 -5.43
N ARG D 43 32.22 -10.66 -6.75
CA ARG D 43 31.86 -9.49 -7.50
C ARG D 43 30.71 -9.75 -8.43
N ALA D 44 29.93 -8.73 -8.71
CA ALA D 44 28.81 -8.93 -9.63
C ALA D 44 28.76 -7.92 -10.75
N SER D 45 28.26 -8.37 -11.90
CA SER D 45 28.05 -7.54 -13.10
C SER D 45 26.91 -6.54 -12.95
N GLN D 46 26.05 -6.80 -12.00
CA GLN D 46 24.90 -5.98 -11.69
C GLN D 46 24.88 -5.82 -10.22
N GLY D 47 24.32 -4.75 -9.71
CA GLY D 47 24.26 -4.67 -8.27
C GLY D 47 23.23 -5.63 -7.73
N ILE D 48 23.55 -6.13 -6.56
CA ILE D 48 22.75 -7.00 -5.74
C ILE D 48 22.41 -6.09 -4.58
N ASN D 49 21.16 -5.91 -4.19
CA ASN D 49 21.02 -4.89 -3.15
C ASN D 49 21.79 -5.21 -1.87
N SER D 50 21.70 -6.46 -1.45
CA SER D 50 22.41 -6.97 -0.29
C SER D 50 22.15 -8.44 -0.23
N TYR D 51 21.39 -8.90 -1.20
CA TYR D 51 20.93 -10.26 -1.25
C TYR D 51 21.97 -11.23 -1.74
N LEU D 52 22.97 -11.46 -0.89
CA LEU D 52 24.03 -12.42 -1.19
C LEU D 52 24.38 -13.31 0.00
N ASN D 53 24.43 -14.60 -0.27
CA ASN D 53 24.75 -15.62 0.73
C ASN D 53 26.12 -16.23 0.46
N TRP D 54 26.72 -16.82 1.50
CA TRP D 54 27.96 -17.57 1.37
C TRP D 54 27.76 -18.99 1.87
N TYR D 55 28.36 -19.94 1.17
CA TYR D 55 28.31 -21.36 1.53
C TYR D 55 29.70 -21.97 1.67
N GLN D 56 29.81 -22.99 2.53
CA GLN D 56 31.06 -23.75 2.70
C GLN D 56 30.86 -25.22 2.32
N GLN D 57 31.60 -25.72 1.34
CA GLN D 57 31.46 -27.11 0.91
C GLN D 57 32.71 -27.94 1.09
N LYS D 58 32.56 -29.06 1.77
CA LYS D 58 33.69 -29.94 1.96
C LYS D 58 33.50 -31.13 1.01
N PRO D 59 34.57 -31.82 0.60
CA PRO D 59 34.49 -32.94 -0.30
C PRO D 59 33.58 -34.02 0.23
N GLY D 60 32.71 -34.53 -0.64
CA GLY D 60 31.78 -35.60 -0.29
C GLY D 60 30.52 -35.13 0.43
N LYS D 61 30.36 -33.82 0.64
CA LYS D 61 29.20 -33.33 1.38
C LYS D 61 28.44 -32.22 0.67
N ALA D 62 27.16 -32.09 1.01
CA ALA D 62 26.35 -30.98 0.54
C ALA D 62 26.94 -29.73 1.18
N PRO D 63 26.85 -28.57 0.54
CA PRO D 63 27.31 -27.30 1.07
C PRO D 63 26.44 -26.89 2.23
N LYS D 64 26.96 -26.08 3.14
CA LYS D 64 26.10 -25.55 4.19
C LYS D 64 26.14 -24.05 4.18
N LEU D 65 25.08 -23.43 4.66
CA LEU D 65 25.05 -21.98 4.72
C LEU D 65 25.99 -21.49 5.77
N LEU D 66 26.82 -20.54 5.40
CA LEU D 66 27.80 -20.02 6.32
C LEU D 66 27.34 -18.65 6.82
N ILE D 67 27.03 -17.77 5.87
CA ILE D 67 26.57 -16.40 6.08
C ILE D 67 25.37 -16.13 5.21
N TYR D 68 24.41 -15.35 5.69
CA TYR D 68 23.29 -15.00 4.85
C TYR D 68 22.99 -13.51 4.83
N PHE D 69 22.36 -13.10 3.74
CA PHE D 69 21.93 -11.72 3.58
C PHE D 69 23.03 -10.71 3.91
N ALA D 70 24.21 -10.94 3.34
CA ALA D 70 25.43 -10.14 3.44
C ALA D 70 26.09 -10.14 4.82
N ASN D 71 25.37 -9.70 5.84
CA ASN D 71 25.94 -9.52 7.17
C ASN D 71 25.47 -10.43 8.32
N ARG D 72 24.73 -11.51 8.07
CA ARG D 72 24.29 -12.30 9.22
C ARG D 72 24.93 -13.65 9.28
N LEU D 73 25.50 -13.99 10.41
CA LEU D 73 26.13 -15.29 10.49
C LEU D 73 25.03 -16.33 10.71
N GLN D 74 25.11 -17.48 10.04
CA GLN D 74 24.13 -18.52 10.25
C GLN D 74 24.32 -19.21 11.58
N SER D 75 23.24 -19.39 12.33
CA SER D 75 23.37 -20.03 13.62
C SER D 75 24.01 -21.40 13.45
N GLY D 76 24.94 -21.72 14.36
CA GLY D 76 25.66 -22.98 14.34
C GLY D 76 27.05 -22.82 13.70
N VAL D 77 27.27 -21.70 13.03
CA VAL D 77 28.53 -21.40 12.40
C VAL D 77 29.42 -20.68 13.42
N PRO D 78 30.67 -21.11 13.61
CA PRO D 78 31.63 -20.52 14.52
C PRO D 78 31.86 -19.05 14.25
N SER D 79 32.13 -18.33 15.34
CA SER D 79 32.33 -16.88 15.37
C SER D 79 33.55 -16.39 14.60
N ARG D 80 34.43 -17.29 14.20
CA ARG D 80 35.59 -16.93 13.41
C ARG D 80 35.17 -16.48 12.01
N PHE D 81 33.96 -16.83 11.59
CA PHE D 81 33.48 -16.45 10.28
C PHE D 81 32.70 -15.16 10.36
N SER D 82 32.93 -14.29 9.41
CA SER D 82 32.21 -13.03 9.33
C SER D 82 32.24 -12.53 7.90
N GLY D 83 31.45 -11.53 7.59
CA GLY D 83 31.48 -10.97 6.26
C GLY D 83 30.53 -9.81 6.15
N SER D 84 30.60 -9.12 5.02
CA SER D 84 29.78 -7.96 4.73
C SER D 84 29.80 -7.65 3.24
N GLY D 85 28.90 -6.77 2.79
CA GLY D 85 28.95 -6.34 1.40
C GLY D 85 27.68 -5.69 0.91
N SER D 86 27.76 -5.11 -0.27
CA SER D 86 26.64 -4.42 -0.91
C SER D 86 26.92 -4.21 -2.37
N GLY D 87 25.90 -3.84 -3.13
CA GLY D 87 26.17 -3.45 -4.50
C GLY D 87 26.81 -4.57 -5.30
N THR D 88 27.99 -4.29 -5.84
CA THR D 88 28.70 -5.25 -6.66
C THR D 88 29.92 -5.87 -5.98
N GLU D 89 30.11 -5.64 -4.68
CA GLU D 89 31.28 -6.24 -4.00
C GLU D 89 30.99 -6.76 -2.58
N PHE D 90 31.27 -8.05 -2.38
CA PHE D 90 31.05 -8.73 -1.10
C PHE D 90 32.27 -9.52 -0.60
N THR D 91 32.50 -9.53 0.72
CA THR D 91 33.66 -10.25 1.29
C THR D 91 33.35 -11.23 2.42
N LEU D 92 33.99 -12.39 2.33
CA LEU D 92 33.98 -13.42 3.38
C LEU D 92 35.32 -13.44 4.06
N THR D 93 35.31 -13.39 5.39
CA THR D 93 36.55 -13.42 6.16
C THR D 93 36.59 -14.51 7.21
N ILE D 94 37.71 -15.22 7.27
CA ILE D 94 37.93 -16.14 8.37
C ILE D 94 39.04 -15.47 9.17
N SER D 95 38.75 -15.07 10.40
CA SER D 95 39.74 -14.29 11.17
C SER D 95 40.97 -15.10 11.57
N SER D 96 40.78 -16.40 11.72
CA SER D 96 41.82 -17.35 12.07
C SER D 96 41.51 -18.65 11.37
N LEU D 97 42.23 -18.94 10.29
CA LEU D 97 41.97 -20.12 9.48
C LEU D 97 42.18 -21.38 10.27
N GLN D 98 41.24 -22.30 10.24
CA GLN D 98 41.43 -23.55 10.95
C GLN D 98 41.83 -24.64 10.01
N SER D 99 42.42 -25.71 10.52
CA SER D 99 42.80 -26.85 9.70
C SER D 99 41.59 -27.56 9.10
N GLU D 100 40.43 -27.29 9.68
CA GLU D 100 39.16 -27.86 9.27
C GLU D 100 38.44 -27.01 8.22
N ASP D 101 39.01 -25.87 7.83
CA ASP D 101 38.37 -24.96 6.88
C ASP D 101 38.76 -25.17 5.44
N GLY D 102 39.52 -26.22 5.15
CA GLY D 102 39.81 -26.45 3.76
C GLY D 102 38.47 -26.75 3.14
N ALA D 103 38.08 -25.96 2.15
CA ALA D 103 36.75 -26.09 1.56
C ALA D 103 36.62 -25.25 0.31
N THR D 104 35.58 -25.53 -0.46
CA THR D 104 35.23 -24.65 -1.56
C THR D 104 34.16 -23.72 -1.03
N TYR D 105 34.36 -22.45 -1.20
CA TYR D 105 33.36 -21.51 -0.73
C TYR D 105 32.64 -20.97 -1.92
N TYR D 106 31.35 -20.74 -1.78
CA TYR D 106 30.59 -20.21 -2.90
C TYR D 106 29.75 -19.01 -2.52
N CYS D 107 29.54 -18.08 -3.49
CA CYS D 107 28.60 -16.97 -3.37
C CYS D 107 27.33 -17.25 -4.14
N GLN D 108 26.24 -16.85 -3.55
CA GLN D 108 24.93 -16.92 -4.17
C GLN D 108 24.27 -15.58 -4.20
N GLN D 109 23.83 -15.16 -5.35
CA GLN D 109 23.06 -13.94 -5.38
C GLN D 109 21.67 -14.46 -5.47
N TYR D 110 20.74 -13.82 -4.81
CA TYR D 110 19.36 -14.24 -4.92
C TYR D 110 18.52 -13.01 -5.13
N ASP D 111 19.11 -12.06 -5.85
CA ASP D 111 18.47 -10.83 -6.21
C ASP D 111 17.41 -11.24 -7.22
N THR D 112 17.76 -12.24 -8.03
CA THR D 112 16.85 -12.84 -9.00
C THR D 112 17.28 -14.27 -9.32
N PHE D 113 16.32 -15.16 -9.60
CA PHE D 113 16.60 -16.55 -10.04
C PHE D 113 18.04 -16.97 -9.77
N PRO D 114 18.41 -17.42 -8.56
CA PRO D 114 19.77 -17.57 -8.11
C PRO D 114 20.64 -18.37 -9.06
N THR D 115 21.83 -17.85 -9.33
CA THR D 115 22.76 -18.47 -10.26
C THR D 115 24.05 -19.04 -9.70
N PHE D 116 24.45 -18.57 -8.53
CA PHE D 116 25.71 -18.92 -7.85
C PHE D 116 26.96 -18.51 -8.64
N GLY D 117 28.03 -18.23 -7.92
CA GLY D 117 29.30 -17.92 -8.53
C GLY D 117 30.01 -19.26 -8.73
N PRO D 118 31.19 -19.28 -9.33
CA PRO D 118 32.00 -20.47 -9.56
C PRO D 118 32.61 -21.12 -8.32
N GLY D 119 32.71 -20.38 -7.23
CA GLY D 119 33.34 -20.90 -6.04
C GLY D 119 34.85 -20.67 -6.06
N THR D 120 35.46 -20.68 -4.87
CA THR D 120 36.92 -20.59 -4.76
C THR D 120 37.41 -21.61 -3.75
N LYS D 121 38.67 -22.01 -3.84
CA LYS D 121 39.19 -22.96 -2.85
C LYS D 121 40.15 -22.38 -1.84
N LEU D 122 39.92 -22.70 -0.56
CA LEU D 122 40.89 -22.34 0.47
C LEU D 122 41.61 -23.59 0.89
N ASP D 123 42.93 -23.61 0.72
CA ASP D 123 43.67 -24.80 1.12
C ASP D 123 44.31 -24.55 2.49
N ILE D 124 45.01 -25.55 3.02
CA ILE D 124 45.62 -25.44 4.35
C ILE D 124 47.15 -25.60 4.38
N LYS D 125 47.87 -24.63 5.00
CA LYS D 125 49.33 -24.61 5.21
C LYS D 125 49.67 -24.39 6.72
#